data_4KBE
#
_entry.id   4KBE
#
_cell.length_a   81.072
_cell.length_b   90.856
_cell.length_c   92.513
_cell.angle_alpha   90.000
_cell.angle_beta   90.000
_cell.angle_gamma   90.000
#
_symmetry.space_group_name_H-M   'P 21 21 21'
#
loop_
_entity.id
_entity.type
_entity.pdbx_description
1 polymer 'Probable sugar kinase protein'
2 non-polymer ADENOSINE
3 non-polymer 6-phenyl-1,3,5-triazine-2,4-diamine
4 non-polymer 'DIMETHYL SULFOXIDE'
5 non-polymer 'POTASSIUM ION'
6 water water
#
_entity_poly.entity_id   1
_entity_poly.type   'polypeptide(L)'
_entity_poly.pdbx_seq_one_letter_code
;(MSE)HHHHHHSSGVDLGTENLYFQS(MSE)TRFDVLTVGNAIVDIISRCNDQFLIDNQITKAA(MSE)NLIDAERAELL
YSR(MSE)GPALEASGGSAGNTAAGVANLGGKAAYFGNVAADQLGDIFTHDIRAQGVHYQTKPKGAFPPTARS(MSE)IF
VTEDGERS(MSE)NTYLGACVELGPEDVEADVVADAKVTYFEGYLWDPPRAKEAILDCARIAHQHGRE(MSE)S(MSE)T
LSDSFCVDRYRGEFLDL(MSE)RSGKVDIVFANRQEALSLYQTDDFEEALNRIAADCKIAAVT(MSE)SENGAVILKGRE
RYYVNAIRIREVVDTTGAGDLFASGFLYGYTQGRSLEDCGKLGCLAAGIVIQQIGPRP(MSE)TSLSEAAKQAGLI
;
_entity_poly.pdbx_strand_id   A,B
#
loop_
_chem_comp.id
_chem_comp.type
_chem_comp.name
_chem_comp.formula
ADN non-polymer ADENOSINE 'C10 H13 N5 O4'
BZE non-polymer 6-phenyl-1,3,5-triazine-2,4-diamine 'C9 H9 N5'
DMS non-polymer 'DIMETHYL SULFOXIDE' 'C2 H6 O S'
K non-polymer 'POTASSIUM ION' 'K 1'
#
# COMPACT_ATOMS: atom_id res chain seq x y z
N MSE A 23 -15.64 -34.46 -6.78
CA MSE A 23 -14.84 -33.20 -6.91
C MSE A 23 -15.76 -32.03 -7.09
O MSE A 23 -16.74 -32.09 -7.86
CB MSE A 23 -13.81 -33.26 -8.03
CG MSE A 23 -14.32 -33.89 -9.33
SE MSE A 23 -13.15 -33.39 -10.84
CE MSE A 23 -14.53 -33.47 -12.24
N THR A 24 -15.47 -30.96 -6.37
CA THR A 24 -16.33 -29.77 -6.33
C THR A 24 -15.60 -28.56 -6.91
N ARG A 25 -16.35 -27.55 -7.36
CA ARG A 25 -15.73 -26.36 -7.93
C ARG A 25 -14.91 -25.58 -6.92
N PHE A 26 -15.43 -25.42 -5.70
CA PHE A 26 -14.75 -24.61 -4.69
C PHE A 26 -14.58 -25.32 -3.36
N ASP A 27 -13.48 -25.03 -2.69
CA ASP A 27 -13.28 -25.46 -1.32
C ASP A 27 -14.04 -24.52 -0.39
N VAL A 28 -13.88 -23.21 -0.62
CA VAL A 28 -14.36 -22.20 0.32
C VAL A 28 -14.94 -21.00 -0.46
N LEU A 29 -16.22 -20.74 -0.26
CA LEU A 29 -16.83 -19.48 -0.65
C LEU A 29 -16.85 -18.56 0.59
N THR A 30 -16.43 -17.31 0.45
CA THR A 30 -16.59 -16.38 1.54
C THR A 30 -17.49 -15.24 1.12
N VAL A 31 -18.18 -14.65 2.08
CA VAL A 31 -19.10 -13.56 1.84
C VAL A 31 -18.86 -12.48 2.86
N GLY A 32 -18.65 -11.26 2.41
CA GLY A 32 -18.49 -10.15 3.35
C GLY A 32 -18.54 -8.77 2.73
N ASN A 33 -18.26 -7.76 3.54
CA ASN A 33 -18.16 -6.38 3.14
C ASN A 33 -16.90 -6.14 2.30
N ALA A 34 -17.10 -5.75 1.04
CA ALA A 34 -15.94 -5.49 0.18
C ALA A 34 -15.34 -4.12 0.46
N ILE A 35 -14.10 -4.13 0.96
CA ILE A 35 -13.48 -2.96 1.54
C ILE A 35 -12.04 -2.80 1.05
N VAL A 36 -11.67 -1.57 0.74
CA VAL A 36 -10.27 -1.21 0.53
C VAL A 36 -9.74 -0.51 1.78
N ASP A 37 -8.60 -1.00 2.30
CA ASP A 37 -7.98 -0.43 3.49
C ASP A 37 -7.07 0.74 3.18
N ILE A 38 -7.09 1.72 4.06
CA ILE A 38 -6.24 2.89 3.99
C ILE A 38 -5.51 2.84 5.31
N ILE A 39 -4.20 2.55 5.25
CA ILE A 39 -3.43 2.19 6.44
C ILE A 39 -2.37 3.24 6.76
N SER A 40 -2.29 3.63 8.04
CA SER A 40 -1.30 4.57 8.50
C SER A 40 -0.90 4.22 9.93
N ARG A 41 0.28 4.67 10.34
CA ARG A 41 0.67 4.52 11.73
C ARG A 41 0.27 5.74 12.53
N CYS A 42 -0.03 5.56 13.81
CA CYS A 42 -0.29 6.68 14.69
C CYS A 42 0.21 6.36 16.09
N ASN A 43 0.34 7.37 16.93
CA ASN A 43 0.65 7.18 18.34
C ASN A 43 -0.61 6.90 19.13
N ASP A 44 -0.43 6.49 20.38
CA ASP A 44 -1.62 6.20 21.16
C ASP A 44 -2.59 7.36 21.48
N GLN A 45 -1.92 8.53 21.55
CA GLN A 45 -2.65 9.75 21.81
C GLN A 45 -3.63 10.09 20.68
N PHE A 46 -3.28 9.73 19.46
CA PHE A 46 -4.15 9.96 18.30
C PHE A 46 -5.52 9.29 18.47
N LEU A 47 -5.52 8.06 18.98
CA LEU A 47 -6.75 7.31 19.21
C LEU A 47 -7.64 7.97 20.25
N ILE A 48 -7.03 8.40 21.35
CA ILE A 48 -7.73 9.13 22.40
C ILE A 48 -8.34 10.44 21.85
N ASP A 49 -7.52 11.25 21.16
CA ASP A 49 -7.97 12.56 20.67
C ASP A 49 -9.13 12.46 19.69
N ASN A 50 -9.20 11.34 18.97
CA ASN A 50 -10.20 11.12 17.93
C ASN A 50 -11.30 10.17 18.34
N GLN A 51 -11.29 9.81 19.62
CA GLN A 51 -12.28 8.91 20.22
C GLN A 51 -12.51 7.65 19.37
N ILE A 52 -11.40 7.06 18.91
CA ILE A 52 -11.38 5.82 18.16
C ILE A 52 -11.20 4.70 19.18
N THR A 53 -12.09 3.70 19.16
CA THR A 53 -11.96 2.57 20.09
C THR A 53 -10.79 1.71 19.61
N LYS A 54 -9.79 1.54 20.48
CA LYS A 54 -8.61 0.79 20.09
C LYS A 54 -8.96 -0.67 19.85
N ALA A 55 -8.42 -1.23 18.76
CA ALA A 55 -8.51 -2.65 18.40
C ALA A 55 -9.87 -3.06 17.88
N ALA A 56 -10.75 -2.09 17.68
CA ALA A 56 -12.12 -2.39 17.32
C ALA A 56 -12.41 -1.93 15.90
N MSE A 57 -13.53 -2.41 15.36
CA MSE A 57 -14.09 -1.93 14.11
C MSE A 57 -15.10 -0.85 14.48
O MSE A 57 -16.11 -1.14 15.13
CB MSE A 57 -14.77 -3.10 13.39
CG MSE A 57 -14.87 -2.86 11.90
SE MSE A 57 -16.45 -1.69 11.60
CE MSE A 57 -17.83 -2.91 12.31
N ASN A 58 -14.81 0.39 14.09
CA ASN A 58 -15.65 1.55 14.38
C ASN A 58 -16.39 1.98 13.11
N LEU A 59 -17.73 1.87 13.08
CA LEU A 59 -18.47 2.29 11.87
C LEU A 59 -18.64 3.78 11.85
N ILE A 60 -18.39 4.37 10.69
CA ILE A 60 -18.43 5.81 10.56
C ILE A 60 -19.25 6.20 9.32
N ASP A 61 -19.82 7.40 9.37
CA ASP A 61 -20.53 7.94 8.22
C ASP A 61 -19.58 8.69 7.29
N ALA A 62 -20.12 9.22 6.20
CA ALA A 62 -19.32 9.89 5.17
C ALA A 62 -18.62 11.14 5.69
N GLU A 63 -19.29 11.89 6.56
CA GLU A 63 -18.73 13.10 7.15
C GLU A 63 -17.56 12.77 8.08
N ARG A 64 -17.74 11.76 8.94
CA ARG A 64 -16.64 11.36 9.85
C ARG A 64 -15.46 10.78 9.08
N ALA A 65 -15.73 10.03 8.02
CA ALA A 65 -14.68 9.53 7.14
C ALA A 65 -13.80 10.65 6.61
N GLU A 66 -14.42 11.73 6.14
CA GLU A 66 -13.66 12.86 5.62
C GLU A 66 -12.83 13.49 6.73
N LEU A 67 -13.42 13.62 7.92
CA LEU A 67 -12.79 14.28 9.03
CA LEU A 67 -12.77 14.28 9.03
C LEU A 67 -11.57 13.46 9.45
N LEU A 68 -11.76 12.16 9.67
CA LEU A 68 -10.62 11.30 10.06
C LEU A 68 -9.50 11.26 9.01
N TYR A 69 -9.86 11.15 7.75
CA TYR A 69 -8.88 11.19 6.67
C TYR A 69 -8.08 12.48 6.68
N SER A 70 -8.76 13.61 6.94
CA SER A 70 -8.06 14.90 7.00
C SER A 70 -7.01 14.92 8.13
N ARG A 71 -7.19 14.07 9.14
CA ARG A 71 -6.25 14.04 10.27
C ARG A 71 -5.22 12.92 10.19
N MSE A 72 -5.44 11.99 9.26
CA MSE A 72 -4.61 10.82 9.13
C MSE A 72 -3.33 11.18 8.44
O MSE A 72 -3.29 12.10 7.61
CB MSE A 72 -5.37 9.76 8.35
CG MSE A 72 -4.57 8.51 8.14
SE MSE A 72 -5.68 7.34 7.03
CE MSE A 72 -5.26 5.63 7.92
N GLY A 73 -2.27 10.46 8.78
CA GLY A 73 -0.99 10.68 8.14
C GLY A 73 -0.94 10.12 6.73
N PRO A 74 0.22 10.22 6.08
CA PRO A 74 0.37 9.57 4.78
C PRO A 74 0.03 8.09 4.91
N ALA A 75 -0.66 7.55 3.92
CA ALA A 75 -1.15 6.17 4.01
C ALA A 75 -0.73 5.28 2.86
N LEU A 76 -1.07 4.02 2.96
CA LEU A 76 -1.00 3.15 1.82
C LEU A 76 -2.33 2.45 1.71
N GLU A 77 -2.67 2.07 0.49
CA GLU A 77 -3.92 1.40 0.26
C GLU A 77 -3.66 -0.06 -0.05
N ALA A 78 -4.49 -0.93 0.52
CA ALA A 78 -4.52 -2.34 0.17
C ALA A 78 -5.95 -2.88 0.22
N SER A 79 -6.28 -3.81 -0.68
CA SER A 79 -7.57 -4.49 -0.58
C SER A 79 -7.75 -5.20 0.75
N GLY A 80 -8.93 -5.02 1.33
CA GLY A 80 -9.29 -5.56 2.63
C GLY A 80 -10.59 -6.33 2.62
N GLY A 81 -11.36 -6.14 3.67
CA GLY A 81 -12.57 -6.90 3.95
C GLY A 81 -12.21 -8.24 4.60
N SER A 82 -12.75 -8.48 5.79
CA SER A 82 -12.38 -9.70 6.55
CA SER A 82 -12.40 -9.71 6.55
C SER A 82 -12.52 -10.98 5.71
N ALA A 83 -13.70 -11.18 5.11
CA ALA A 83 -13.96 -12.35 4.27
C ALA A 83 -13.19 -12.31 2.95
N GLY A 84 -12.92 -11.10 2.44
CA GLY A 84 -12.11 -11.01 1.23
C GLY A 84 -10.72 -11.54 1.52
N ASN A 85 -10.16 -11.07 2.63
CA ASN A 85 -8.83 -11.53 3.10
C ASN A 85 -8.74 -13.05 3.27
N THR A 86 -9.77 -13.62 3.90
CA THR A 86 -9.88 -15.07 4.10
C THR A 86 -9.87 -15.84 2.78
N ALA A 87 -10.70 -15.41 1.81
CA ALA A 87 -10.71 -16.02 0.48
C ALA A 87 -9.31 -15.98 -0.16
N ALA A 88 -8.69 -14.80 -0.17
CA ALA A 88 -7.36 -14.61 -0.77
C ALA A 88 -6.36 -15.56 -0.11
N GLY A 89 -6.49 -15.70 1.20
CA GLY A 89 -5.58 -16.60 1.99
C GLY A 89 -5.77 -18.07 1.60
N VAL A 90 -7.01 -18.49 1.38
CA VAL A 90 -7.27 -19.84 0.91
C VAL A 90 -6.65 -20.10 -0.47
N ALA A 91 -6.85 -19.15 -1.39
CA ALA A 91 -6.27 -19.25 -2.73
C ALA A 91 -4.74 -19.29 -2.67
N ASN A 92 -4.18 -18.48 -1.77
CA ASN A 92 -2.73 -18.40 -1.59
C ASN A 92 -2.17 -19.77 -1.15
N LEU A 93 -2.80 -20.38 -0.16
CA LEU A 93 -2.45 -21.75 0.29
C LEU A 93 -2.60 -22.82 -0.81
N GLY A 94 -3.42 -22.53 -1.83
CA GLY A 94 -3.61 -23.45 -2.96
C GLY A 94 -5.00 -24.02 -3.08
N GLY A 95 -5.90 -23.56 -2.22
CA GLY A 95 -7.31 -24.01 -2.25
C GLY A 95 -8.07 -23.25 -3.33
N LYS A 96 -9.29 -23.69 -3.61
CA LYS A 96 -10.08 -23.04 -4.65
C LYS A 96 -11.11 -22.19 -3.94
N ALA A 97 -11.07 -20.87 -4.18
CA ALA A 97 -11.92 -19.97 -3.41
C ALA A 97 -12.82 -19.12 -4.29
N ALA A 98 -13.93 -18.68 -3.70
CA ALA A 98 -14.86 -17.77 -4.36
C ALA A 98 -15.28 -16.71 -3.35
N TYR A 99 -15.76 -15.56 -3.82
CA TYR A 99 -16.12 -14.50 -2.92
C TYR A 99 -17.34 -13.78 -3.40
N PHE A 100 -18.25 -13.47 -2.47
CA PHE A 100 -19.34 -12.52 -2.73
C PHE A 100 -19.14 -11.25 -1.91
N GLY A 101 -19.27 -10.09 -2.54
CA GLY A 101 -19.17 -8.82 -1.83
C GLY A 101 -19.32 -7.68 -2.82
N ASN A 102 -19.88 -6.56 -2.38
CA ASN A 102 -20.31 -5.52 -3.36
C ASN A 102 -19.47 -4.25 -3.33
N VAL A 103 -18.86 -3.92 -4.46
CA VAL A 103 -18.13 -2.67 -4.61
C VAL A 103 -18.92 -1.74 -5.52
N ALA A 104 -18.44 -0.50 -5.64
CA ALA A 104 -18.97 0.45 -6.63
C ALA A 104 -18.17 0.38 -7.92
N ALA A 105 -18.75 0.95 -8.98
CA ALA A 105 -18.05 1.07 -10.25
C ALA A 105 -17.17 2.31 -10.18
N ASP A 106 -16.08 2.20 -9.40
CA ASP A 106 -15.16 3.31 -9.23
C ASP A 106 -13.73 2.77 -9.14
N GLN A 107 -12.76 3.65 -8.98
CA GLN A 107 -11.35 3.26 -8.99
C GLN A 107 -11.01 2.34 -7.81
N LEU A 108 -11.55 2.66 -6.63
CA LEU A 108 -11.39 1.76 -5.46
C LEU A 108 -12.02 0.40 -5.71
N GLY A 109 -13.19 0.38 -6.37
CA GLY A 109 -13.83 -0.89 -6.70
C GLY A 109 -13.02 -1.67 -7.73
N ASP A 110 -12.39 -0.95 -8.65
CA ASP A 110 -11.60 -1.62 -9.68
C ASP A 110 -10.34 -2.23 -9.02
N ILE A 111 -9.79 -1.51 -8.04
CA ILE A 111 -8.63 -2.04 -7.26
C ILE A 111 -9.01 -3.31 -6.51
N PHE A 112 -10.17 -3.27 -5.85
CA PHE A 112 -10.66 -4.43 -5.09
C PHE A 112 -10.85 -5.63 -6.01
N THR A 113 -11.55 -5.40 -7.12
CA THR A 113 -11.79 -6.46 -8.09
C THR A 113 -10.48 -7.08 -8.59
N HIS A 114 -9.50 -6.24 -8.93
CA HIS A 114 -8.26 -6.70 -9.49
C HIS A 114 -7.59 -7.61 -8.48
N ASP A 115 -7.46 -7.11 -7.25
CA ASP A 115 -6.61 -7.82 -6.26
C ASP A 115 -7.13 -9.20 -5.91
N ILE A 116 -8.44 -9.33 -5.70
CA ILE A 116 -9.00 -10.63 -5.33
C ILE A 116 -8.98 -11.61 -6.50
N ARG A 117 -9.31 -11.14 -7.70
CA ARG A 117 -9.23 -11.99 -8.88
C ARG A 117 -7.79 -12.40 -9.21
N ALA A 118 -6.84 -11.47 -8.99
CA ALA A 118 -5.43 -11.70 -9.31
C ALA A 118 -4.86 -12.79 -8.42
N GLN A 119 -5.44 -12.95 -7.22
CA GLN A 119 -5.03 -14.02 -6.32
C GLN A 119 -5.63 -15.37 -6.76
N GLY A 120 -6.55 -15.36 -7.74
CA GLY A 120 -7.16 -16.60 -8.24
C GLY A 120 -8.43 -16.97 -7.51
N VAL A 121 -9.05 -15.99 -6.87
CA VAL A 121 -10.38 -16.14 -6.26
C VAL A 121 -11.45 -15.82 -7.30
N HIS A 122 -12.43 -16.71 -7.42
CA HIS A 122 -13.64 -16.48 -8.23
C HIS A 122 -14.44 -15.31 -7.65
N TYR A 123 -14.52 -14.21 -8.40
CA TYR A 123 -15.24 -13.02 -7.94
C TYR A 123 -16.03 -12.34 -9.06
N GLN A 124 -17.36 -12.43 -8.94
CA GLN A 124 -18.24 -12.05 -10.02
C GLN A 124 -19.42 -11.14 -9.61
N THR A 125 -19.40 -10.65 -8.38
CA THR A 125 -20.42 -9.69 -7.91
C THR A 125 -20.34 -8.40 -8.74
N LYS A 126 -21.45 -8.06 -9.39
CA LYS A 126 -21.53 -6.86 -10.23
C LYS A 126 -21.79 -5.59 -9.41
N PRO A 127 -21.07 -4.50 -9.71
CA PRO A 127 -21.38 -3.21 -9.07
C PRO A 127 -22.74 -2.65 -9.59
N LYS A 128 -23.42 -1.87 -8.77
CA LYS A 128 -24.75 -1.37 -9.14
C LYS A 128 -24.73 0.10 -9.58
N GLY A 129 -23.52 0.67 -9.66
CA GLY A 129 -23.28 2.05 -9.98
C GLY A 129 -22.06 2.59 -9.26
N ALA A 130 -21.79 3.87 -9.40
CA ALA A 130 -20.63 4.52 -8.78
C ALA A 130 -20.95 5.04 -7.37
N PHE A 131 -22.23 5.03 -7.01
CA PHE A 131 -22.69 5.63 -5.75
C PHE A 131 -23.77 4.79 -5.06
N PRO A 132 -23.61 4.52 -3.75
CA PRO A 132 -22.48 5.01 -2.93
C PRO A 132 -21.15 4.40 -3.39
N PRO A 133 -20.02 5.06 -3.03
CA PRO A 133 -18.75 4.59 -3.54
C PRO A 133 -18.29 3.38 -2.74
N THR A 134 -17.22 2.78 -3.22
CA THR A 134 -16.66 1.56 -2.65
C THR A 134 -16.27 1.76 -1.19
N ALA A 135 -16.56 0.77 -0.34
CA ALA A 135 -16.28 0.88 1.08
C ALA A 135 -14.78 1.07 1.30
N ARG A 136 -14.45 1.84 2.31
CA ARG A 136 -13.04 2.01 2.73
C ARG A 136 -12.93 2.01 4.25
N SER A 137 -11.83 1.47 4.77
CA SER A 137 -11.58 1.47 6.19
C SER A 137 -10.24 2.15 6.45
N MSE A 138 -10.26 3.18 7.30
CA MSE A 138 -9.03 3.81 7.71
C MSE A 138 -8.53 3.07 8.92
O MSE A 138 -9.17 3.06 9.98
CB MSE A 138 -9.29 5.28 7.98
CG MSE A 138 -9.35 5.93 6.61
SE MSE A 138 -9.93 7.74 7.05
CE MSE A 138 -11.82 7.34 7.36
N ILE A 139 -7.39 2.44 8.74
CA ILE A 139 -6.86 1.54 9.78
C ILE A 139 -5.62 2.21 10.35
N PHE A 140 -5.66 2.46 11.65
CA PHE A 140 -4.59 3.10 12.37
C PHE A 140 -3.85 2.06 13.15
N VAL A 141 -2.56 1.94 12.84
CA VAL A 141 -1.69 0.94 13.47
C VAL A 141 -0.79 1.63 14.51
N THR A 142 -0.90 1.19 15.77
CA THR A 142 -0.11 1.77 16.86
C THR A 142 1.22 1.02 17.00
N GLU A 143 2.13 1.58 17.80
CA GLU A 143 3.50 1.04 17.95
C GLU A 143 3.53 -0.42 18.39
N ASP A 144 2.54 -0.81 19.19
CA ASP A 144 2.39 -2.21 19.63
C ASP A 144 1.87 -3.15 18.53
N GLY A 145 1.56 -2.60 17.37
CA GLY A 145 1.12 -3.42 16.24
C GLY A 145 -0.38 -3.66 16.19
N GLU A 146 -1.10 -3.09 17.15
CA GLU A 146 -2.55 -3.22 17.20
C GLU A 146 -3.15 -2.35 16.10
N ARG A 147 -4.30 -2.77 15.62
CA ARG A 147 -5.02 -2.02 14.57
CA ARG A 147 -5.02 -2.04 14.57
C ARG A 147 -6.47 -1.59 14.99
N SER A 148 -6.79 -0.34 14.63
CA SER A 148 -8.05 0.24 15.01
C SER A 148 -8.71 0.76 13.74
N MSE A 149 -9.85 0.18 13.37
CA MSE A 149 -10.39 0.36 12.03
C MSE A 149 -11.56 1.27 12.07
O MSE A 149 -12.35 1.23 13.02
CB MSE A 149 -10.83 -0.98 11.46
CG MSE A 149 -9.66 -1.94 11.57
SE MSE A 149 -10.07 -3.54 10.53
CE MSE A 149 -11.57 -4.25 11.59
N ASN A 150 -11.70 2.09 11.02
CA ASN A 150 -12.75 3.11 10.97
C ASN A 150 -13.37 3.03 9.59
N THR A 151 -14.52 2.37 9.54
CA THR A 151 -15.05 1.84 8.30
C THR A 151 -16.31 2.56 7.84
N TYR A 152 -16.25 3.10 6.62
CA TYR A 152 -17.41 3.63 5.90
C TYR A 152 -17.93 2.59 4.91
N LEU A 153 -19.11 2.07 5.19
CA LEU A 153 -19.61 0.92 4.42
C LEU A 153 -19.90 1.18 2.93
N GLY A 154 -20.27 2.42 2.60
CA GLY A 154 -20.47 2.75 1.19
C GLY A 154 -21.31 1.73 0.43
N ALA A 155 -20.78 1.27 -0.69
CA ALA A 155 -21.48 0.29 -1.52
C ALA A 155 -21.81 -1.06 -0.89
N CYS A 156 -21.16 -1.42 0.24
CA CYS A 156 -21.55 -2.63 0.96
C CYS A 156 -23.03 -2.69 1.39
N VAL A 157 -23.67 -1.52 1.55
CA VAL A 157 -25.07 -1.49 2.00
C VAL A 157 -26.00 -2.09 0.95
N GLU A 158 -25.50 -2.22 -0.27
CA GLU A 158 -26.30 -2.69 -1.39
C GLU A 158 -26.22 -4.20 -1.63
N LEU A 159 -25.35 -4.90 -0.91
CA LEU A 159 -25.28 -6.35 -1.01
C LEU A 159 -26.59 -7.00 -0.54
N GLY A 160 -27.15 -7.86 -1.37
CA GLY A 160 -28.42 -8.52 -1.04
C GLY A 160 -28.63 -9.84 -1.73
N PRO A 161 -29.83 -10.44 -1.57
CA PRO A 161 -30.12 -11.78 -2.10
C PRO A 161 -29.84 -11.89 -3.59
N GLU A 162 -29.91 -10.77 -4.31
CA GLU A 162 -29.67 -10.76 -5.75
C GLU A 162 -28.22 -11.11 -6.10
N ASP A 163 -27.32 -10.97 -5.14
CA ASP A 163 -25.89 -11.22 -5.37
C ASP A 163 -25.44 -12.63 -5.03
N VAL A 164 -26.38 -13.46 -4.57
CA VAL A 164 -26.08 -14.86 -4.27
C VAL A 164 -26.00 -15.65 -5.58
N GLU A 165 -24.81 -16.18 -5.88
CA GLU A 165 -24.63 -17.07 -7.03
C GLU A 165 -24.88 -18.48 -6.53
N ALA A 166 -26.12 -18.94 -6.75
CA ALA A 166 -26.63 -20.15 -6.15
C ALA A 166 -25.81 -21.36 -6.54
N ASP A 167 -25.37 -21.41 -7.81
CA ASP A 167 -24.50 -22.45 -8.32
CA ASP A 167 -24.52 -22.48 -8.29
C ASP A 167 -23.20 -22.53 -7.51
N VAL A 168 -22.67 -21.36 -7.15
CA VAL A 168 -21.38 -21.29 -6.40
C VAL A 168 -21.55 -21.82 -4.97
N VAL A 169 -22.61 -21.38 -4.30
CA VAL A 169 -22.94 -21.88 -2.95
C VAL A 169 -23.14 -23.40 -3.02
N ALA A 170 -23.90 -23.87 -4.01
CA ALA A 170 -24.13 -25.32 -4.18
C ALA A 170 -22.82 -26.11 -4.36
N ASP A 171 -21.82 -25.48 -4.99
CA ASP A 171 -20.58 -26.17 -5.40
C ASP A 171 -19.38 -25.86 -4.49
N ALA A 172 -19.67 -25.30 -3.32
CA ALA A 172 -18.62 -24.94 -2.36
C ALA A 172 -18.67 -25.83 -1.11
N LYS A 173 -17.53 -26.42 -0.74
CA LYS A 173 -17.51 -27.32 0.42
C LYS A 173 -17.92 -26.60 1.70
N VAL A 174 -17.43 -25.36 1.84
CA VAL A 174 -17.76 -24.51 2.96
C VAL A 174 -18.08 -23.11 2.47
N THR A 175 -19.18 -22.55 2.97
CA THR A 175 -19.48 -21.14 2.79
C THR A 175 -19.29 -20.45 4.12
N TYR A 176 -18.43 -19.44 4.12
CA TYR A 176 -18.03 -18.69 5.32
C TYR A 176 -18.39 -17.20 5.19
N PHE A 177 -18.97 -16.65 6.24
CA PHE A 177 -19.43 -15.26 6.23
C PHE A 177 -19.04 -14.47 7.49
N GLU A 178 -19.01 -13.14 7.37
CA GLU A 178 -18.71 -12.27 8.50
C GLU A 178 -19.93 -11.95 9.35
N GLY A 179 -19.74 -12.01 10.68
CA GLY A 179 -20.63 -11.34 11.62
C GLY A 179 -20.88 -9.88 11.19
N TYR A 180 -19.84 -9.24 10.64
CA TYR A 180 -19.92 -7.85 10.17
C TYR A 180 -21.05 -7.58 9.18
N LEU A 181 -21.54 -8.62 8.52
CA LEU A 181 -22.64 -8.47 7.53
C LEU A 181 -23.96 -8.09 8.15
N TRP A 182 -24.07 -8.15 9.48
CA TRP A 182 -25.31 -7.79 10.16
C TRP A 182 -25.52 -6.26 10.28
N ASP A 183 -24.48 -5.49 10.00
CA ASP A 183 -24.53 -4.03 9.99
C ASP A 183 -25.25 -3.47 8.73
N PRO A 184 -24.84 -3.87 7.50
CA PRO A 184 -25.65 -3.38 6.34
C PRO A 184 -27.09 -3.95 6.33
N PRO A 185 -28.04 -3.28 5.66
CA PRO A 185 -29.43 -3.69 5.88
C PRO A 185 -29.87 -5.07 5.36
N ARG A 186 -29.40 -5.47 4.18
CA ARG A 186 -29.97 -6.63 3.51
C ARG A 186 -29.01 -7.81 3.36
N ALA A 187 -27.77 -7.66 3.79
CA ALA A 187 -26.81 -8.74 3.63
C ALA A 187 -27.24 -10.04 4.30
N LYS A 188 -27.88 -9.94 5.48
CA LYS A 188 -28.35 -11.12 6.23
C LYS A 188 -29.32 -12.01 5.45
N GLU A 189 -30.17 -11.39 4.62
CA GLU A 189 -31.06 -12.16 3.76
C GLU A 189 -30.26 -13.02 2.79
N ALA A 190 -29.23 -12.43 2.18
CA ALA A 190 -28.29 -13.17 1.31
C ALA A 190 -27.66 -14.36 2.04
N ILE A 191 -27.21 -14.13 3.26
CA ILE A 191 -26.67 -15.22 4.09
C ILE A 191 -27.69 -16.31 4.41
N LEU A 192 -28.94 -15.93 4.67
CA LEU A 192 -29.97 -16.94 4.92
C LEU A 192 -30.23 -17.78 3.66
N ASP A 193 -30.17 -17.17 2.48
CA ASP A 193 -30.26 -17.94 1.24
C ASP A 193 -29.08 -18.91 1.08
N CYS A 194 -27.86 -18.42 1.34
CA CYS A 194 -26.65 -19.25 1.31
C CYS A 194 -26.77 -20.48 2.19
N ALA A 195 -27.18 -20.27 3.45
CA ALA A 195 -27.36 -21.35 4.41
C ALA A 195 -28.28 -22.45 3.88
N ARG A 196 -29.43 -22.03 3.32
CA ARG A 196 -30.40 -22.96 2.73
C ARG A 196 -29.80 -23.79 1.59
N ILE A 197 -29.22 -23.10 0.61
CA ILE A 197 -28.61 -23.76 -0.54
C ILE A 197 -27.48 -24.69 -0.09
N ALA A 198 -26.58 -24.18 0.74
CA ALA A 198 -25.45 -24.98 1.23
C ALA A 198 -25.90 -26.30 1.86
N HIS A 199 -26.81 -26.20 2.82
CA HIS A 199 -27.29 -27.37 3.56
C HIS A 199 -28.16 -28.30 2.70
N GLN A 200 -28.88 -27.73 1.72
CA GLN A 200 -29.60 -28.58 0.76
C GLN A 200 -28.65 -29.44 -0.08
N HIS A 201 -27.43 -28.96 -0.28
CA HIS A 201 -26.44 -29.64 -1.11
C HIS A 201 -25.37 -30.34 -0.26
N GLY A 202 -25.65 -30.50 1.03
CA GLY A 202 -24.75 -31.21 1.94
C GLY A 202 -23.43 -30.53 2.24
N ARG A 203 -23.39 -29.21 2.06
CA ARG A 203 -22.21 -28.41 2.33
C ARG A 203 -22.23 -27.93 3.78
N GLU A 204 -21.19 -27.23 4.19
CA GLU A 204 -21.16 -26.66 5.54
C GLU A 204 -21.09 -25.14 5.53
N MSE A 205 -21.69 -24.52 6.55
CA MSE A 205 -21.73 -23.06 6.70
C MSE A 205 -20.84 -22.67 7.84
O MSE A 205 -20.86 -23.32 8.87
CB MSE A 205 -23.12 -22.66 7.13
CG MSE A 205 -24.17 -22.75 6.04
SE MSE A 205 -23.70 -21.52 4.58
CE MSE A 205 -23.79 -19.75 5.46
N SER A 206 -20.09 -21.60 7.70
CA SER A 206 -19.19 -21.14 8.75
C SER A 206 -19.31 -19.65 8.98
N MSE A 207 -19.11 -19.18 10.21
CA MSE A 207 -19.02 -17.73 10.43
C MSE A 207 -17.92 -17.32 11.37
O MSE A 207 -17.47 -18.10 12.21
CB MSE A 207 -20.33 -17.11 10.91
CG MSE A 207 -20.51 -17.33 12.40
SE MSE A 207 -22.15 -16.42 12.97
CE MSE A 207 -21.67 -14.52 12.70
N THR A 208 -17.50 -16.07 11.22
CA THR A 208 -16.68 -15.39 12.20
C THR A 208 -17.53 -14.38 12.99
N LEU A 209 -17.34 -14.37 14.30
CA LEU A 209 -17.97 -13.36 15.15
C LEU A 209 -17.44 -11.94 14.91
N SER A 210 -16.33 -11.82 14.16
CA SER A 210 -15.79 -10.57 13.61
C SER A 210 -15.14 -9.56 14.59
N ASP A 211 -15.84 -9.25 15.68
CA ASP A 211 -15.50 -8.10 16.53
C ASP A 211 -16.44 -8.12 17.74
N SER A 212 -15.90 -7.80 18.92
CA SER A 212 -16.68 -7.89 20.15
C SER A 212 -17.86 -6.91 20.22
N PHE A 213 -17.72 -5.72 19.64
CA PHE A 213 -18.83 -4.75 19.58
C PHE A 213 -19.88 -5.24 18.58
N CYS A 214 -19.41 -5.84 17.47
CA CYS A 214 -20.29 -6.50 16.53
C CYS A 214 -21.12 -7.55 17.24
N VAL A 215 -20.46 -8.38 18.03
CA VAL A 215 -21.15 -9.37 18.83
C VAL A 215 -22.14 -8.71 19.77
N ASP A 216 -21.71 -7.64 20.44
CA ASP A 216 -22.59 -6.85 21.34
CA ASP A 216 -22.64 -6.94 21.34
C ASP A 216 -23.91 -6.47 20.59
N ARG A 217 -23.74 -6.03 19.35
CA ARG A 217 -24.88 -5.54 18.57
C ARG A 217 -25.85 -6.65 18.18
N TYR A 218 -25.33 -7.85 17.86
CA TYR A 218 -26.13 -8.90 17.27
C TYR A 218 -26.07 -10.23 18.03
N ARG A 219 -25.81 -10.16 19.33
CA ARG A 219 -25.66 -11.35 20.18
C ARG A 219 -26.78 -12.38 19.99
N GLY A 220 -28.02 -11.94 20.12
CA GLY A 220 -29.17 -12.84 20.01
C GLY A 220 -29.22 -13.51 18.65
N GLU A 221 -29.00 -12.71 17.61
CA GLU A 221 -29.03 -13.18 16.22
CA GLU A 221 -29.04 -13.20 16.23
C GLU A 221 -27.92 -14.22 15.94
N PHE A 222 -26.72 -13.93 16.41
CA PHE A 222 -25.58 -14.85 16.21
C PHE A 222 -25.81 -16.18 16.93
N LEU A 223 -26.24 -16.12 18.18
CA LEU A 223 -26.66 -17.33 18.93
C LEU A 223 -27.76 -18.10 18.21
N ASP A 224 -28.73 -17.37 17.66
CA ASP A 224 -29.68 -18.07 16.81
C ASP A 224 -29.19 -18.86 15.56
N LEU A 225 -28.31 -18.17 14.85
CA LEU A 225 -27.63 -18.81 13.71
C LEU A 225 -26.97 -20.13 14.13
N MSE A 226 -26.33 -20.13 15.28
CA MSE A 226 -25.58 -21.31 15.70
C MSE A 226 -26.49 -22.39 16.23
O MSE A 226 -26.35 -23.57 15.86
CB MSE A 226 -24.62 -20.90 16.82
CG MSE A 226 -23.41 -20.15 16.26
SE MSE A 226 -22.56 -19.20 17.76
CE MSE A 226 -21.86 -20.70 18.80
N ARG A 227 -27.46 -21.99 17.06
CA ARG A 227 -28.34 -22.95 17.74
C ARG A 227 -29.34 -23.63 16.82
N SER A 228 -29.77 -22.91 15.78
CA SER A 228 -30.67 -23.44 14.77
C SER A 228 -29.91 -24.25 13.73
N GLY A 229 -28.58 -24.28 13.84
CA GLY A 229 -27.76 -25.05 12.91
C GLY A 229 -27.61 -24.49 11.50
N LYS A 230 -27.94 -23.22 11.31
CA LYS A 230 -27.61 -22.55 10.04
C LYS A 230 -26.10 -22.35 9.91
N VAL A 231 -25.42 -22.25 11.05
CA VAL A 231 -23.96 -22.18 11.09
C VAL A 231 -23.40 -23.42 11.76
N ASP A 232 -22.45 -24.06 11.09
CA ASP A 232 -21.84 -25.31 11.54
C ASP A 232 -20.52 -25.10 12.29
N ILE A 233 -19.73 -24.13 11.81
CA ILE A 233 -18.36 -23.91 12.27
C ILE A 233 -18.23 -22.42 12.62
N VAL A 234 -17.91 -22.11 13.88
CA VAL A 234 -17.79 -20.71 14.31
CA VAL A 234 -17.79 -20.70 14.28
C VAL A 234 -16.35 -20.33 14.65
N PHE A 235 -15.91 -19.18 14.13
CA PHE A 235 -14.61 -18.61 14.49
C PHE A 235 -14.80 -17.42 15.45
N ALA A 236 -13.97 -17.38 16.49
CA ALA A 236 -14.03 -16.33 17.51
C ALA A 236 -12.62 -16.10 18.03
N ASN A 237 -12.33 -14.89 18.49
CA ASN A 237 -11.16 -14.71 19.36
C ASN A 237 -11.67 -14.66 20.79
N ARG A 238 -10.76 -14.59 21.76
CA ARG A 238 -11.13 -14.62 23.17
C ARG A 238 -12.15 -13.53 23.54
N GLN A 239 -11.92 -12.31 23.03
CA GLN A 239 -12.76 -11.16 23.34
C GLN A 239 -14.20 -11.35 22.82
N GLU A 240 -14.31 -11.88 21.60
CA GLU A 240 -15.61 -12.14 20.97
C GLU A 240 -16.37 -13.21 21.71
N ALA A 241 -15.65 -14.25 22.13
CA ALA A 241 -16.27 -15.36 22.87
C ALA A 241 -16.78 -14.90 24.24
N LEU A 242 -16.03 -14.04 24.92
CA LEU A 242 -16.46 -13.45 26.19
C LEU A 242 -17.69 -12.56 26.00
N SER A 243 -17.67 -11.78 24.91
N SER A 243 -17.68 -11.78 24.92
CA SER A 243 -18.77 -10.88 24.56
CA SER A 243 -18.79 -10.90 24.61
C SER A 243 -20.04 -11.67 24.27
C SER A 243 -20.05 -11.71 24.33
N LEU A 244 -19.89 -12.81 23.59
CA LEU A 244 -21.04 -13.63 23.17
C LEU A 244 -21.88 -14.06 24.37
N TYR A 245 -21.20 -14.39 25.47
CA TYR A 245 -21.86 -14.86 26.68
C TYR A 245 -21.83 -13.84 27.80
N GLN A 246 -21.40 -12.63 27.46
CA GLN A 246 -21.33 -11.51 28.41
C GLN A 246 -20.70 -11.95 29.72
N THR A 247 -19.53 -12.60 29.61
CA THR A 247 -18.85 -13.14 30.77
C THR A 247 -17.40 -12.67 30.82
N ASP A 248 -16.80 -12.72 32.01
CA ASP A 248 -15.36 -12.53 32.15
C ASP A 248 -14.66 -13.88 32.29
N ASP A 249 -15.45 -14.94 32.33
CA ASP A 249 -14.95 -16.31 32.54
C ASP A 249 -14.69 -17.03 31.21
N PHE A 250 -13.43 -17.08 30.80
CA PHE A 250 -13.10 -17.74 29.52
C PHE A 250 -13.48 -19.22 29.47
N GLU A 251 -13.30 -19.93 30.58
CA GLU A 251 -13.66 -21.34 30.62
C GLU A 251 -15.15 -21.57 30.40
N GLU A 252 -15.98 -20.72 31.02
CA GLU A 252 -17.42 -20.71 30.76
C GLU A 252 -17.67 -20.52 29.27
N ALA A 253 -17.08 -19.47 28.70
CA ALA A 253 -17.26 -19.13 27.28
C ALA A 253 -16.93 -20.28 26.33
N LEU A 254 -15.86 -21.02 26.61
CA LEU A 254 -15.49 -22.18 25.79
C LEU A 254 -16.48 -23.33 25.94
N ASN A 255 -16.89 -23.63 27.18
CA ASN A 255 -17.93 -24.61 27.43
C ASN A 255 -19.22 -24.29 26.68
N ARG A 256 -19.66 -23.03 26.77
CA ARG A 256 -20.89 -22.60 26.12
C ARG A 256 -20.84 -22.59 24.59
N ILE A 257 -19.73 -22.10 24.00
CA ILE A 257 -19.57 -22.06 22.54
C ILE A 257 -19.55 -23.49 21.94
N ALA A 258 -18.95 -24.43 22.66
CA ALA A 258 -18.92 -25.83 22.23
C ALA A 258 -20.31 -26.47 22.21
N ALA A 259 -21.18 -26.03 23.12
CA ALA A 259 -22.55 -26.52 23.20
C ALA A 259 -23.43 -25.90 22.11
N ASP A 260 -23.03 -24.73 21.64
CA ASP A 260 -23.90 -23.96 20.72
C ASP A 260 -23.60 -24.16 19.23
N CYS A 261 -22.46 -24.79 18.91
CA CYS A 261 -22.12 -25.06 17.52
CA CYS A 261 -22.05 -25.00 17.53
C CYS A 261 -21.38 -26.38 17.37
N LYS A 262 -21.34 -26.92 16.16
CA LYS A 262 -20.73 -28.23 15.92
C LYS A 262 -19.20 -28.20 16.10
N ILE A 263 -18.57 -27.17 15.54
CA ILE A 263 -17.13 -26.94 15.68
C ILE A 263 -16.88 -25.45 15.98
N ALA A 264 -16.08 -25.17 17.00
CA ALA A 264 -15.69 -23.79 17.28
C ALA A 264 -14.18 -23.69 17.26
N ALA A 265 -13.66 -22.71 16.54
CA ALA A 265 -12.22 -22.41 16.58
C ALA A 265 -12.04 -21.04 17.21
N VAL A 266 -11.39 -21.02 18.37
CA VAL A 266 -11.27 -19.84 19.21
C VAL A 266 -9.80 -19.46 19.31
N THR A 267 -9.47 -18.26 18.87
CA THR A 267 -8.07 -17.81 18.87
C THR A 267 -7.75 -17.02 20.13
N MSE A 268 -6.49 -17.08 20.54
CA MSE A 268 -6.05 -16.38 21.75
C MSE A 268 -4.74 -15.68 21.52
O MSE A 268 -3.81 -15.79 22.34
CB MSE A 268 -5.86 -17.42 22.85
CG MSE A 268 -7.21 -18.02 23.21
SE MSE A 268 -6.95 -19.74 24.13
CE MSE A 268 -5.53 -20.55 23.06
N SER A 269 -4.65 -14.97 20.40
CA SER A 269 -3.46 -14.17 20.05
C SER A 269 -2.14 -14.95 20.21
N GLU A 270 -1.23 -14.44 21.04
CA GLU A 270 0.05 -15.09 21.27
C GLU A 270 -0.09 -16.40 22.06
N ASN A 271 -1.24 -16.59 22.70
CA ASN A 271 -1.53 -17.82 23.48
C ASN A 271 -2.06 -18.98 22.64
N GLY A 272 -2.23 -18.73 21.36
CA GLY A 272 -2.46 -19.80 20.40
C GLY A 272 -3.92 -19.92 20.07
N ALA A 273 -4.38 -21.16 19.92
CA ALA A 273 -5.77 -21.40 19.52
C ALA A 273 -6.29 -22.67 20.17
N VAL A 274 -7.61 -22.80 20.25
CA VAL A 274 -8.24 -24.04 20.69
C VAL A 274 -9.44 -24.30 19.80
N ILE A 275 -9.47 -25.52 19.24
CA ILE A 275 -10.57 -26.01 18.41
C ILE A 275 -11.44 -26.91 19.29
N LEU A 276 -12.75 -26.71 19.20
CA LEU A 276 -13.70 -27.44 20.03
C LEU A 276 -14.64 -28.20 19.15
N LYS A 277 -14.93 -29.45 19.54
CA LYS A 277 -15.92 -30.26 18.85
C LYS A 277 -16.59 -31.20 19.85
N GLY A 278 -17.83 -30.87 20.20
CA GLY A 278 -18.53 -31.63 21.24
C GLY A 278 -17.74 -31.52 22.51
N ARG A 279 -17.17 -32.65 22.96
CA ARG A 279 -16.35 -32.69 24.16
C ARG A 279 -14.85 -32.62 23.87
N GLU A 280 -14.49 -32.75 22.60
CA GLU A 280 -13.08 -32.73 22.18
C GLU A 280 -12.54 -31.30 22.22
N ARG A 281 -11.32 -31.14 22.75
CA ARG A 281 -10.59 -29.86 22.70
C ARG A 281 -9.21 -30.07 22.13
N TYR A 282 -8.84 -29.27 21.14
CA TYR A 282 -7.52 -29.38 20.51
C TYR A 282 -6.76 -28.05 20.61
N TYR A 283 -5.78 -28.00 21.49
CA TYR A 283 -4.97 -26.79 21.66
C TYR A 283 -3.83 -26.74 20.65
N VAL A 284 -3.60 -25.55 20.11
CA VAL A 284 -2.53 -25.31 19.14
C VAL A 284 -1.70 -24.11 19.59
N ASN A 285 -0.38 -24.25 19.53
CA ASN A 285 0.53 -23.14 19.80
C ASN A 285 0.53 -22.07 18.71
N ALA A 286 0.71 -20.82 19.12
CA ALA A 286 1.03 -19.77 18.16
C ALA A 286 2.50 -19.89 17.77
N ILE A 287 2.81 -19.59 16.51
CA ILE A 287 4.20 -19.52 16.07
C ILE A 287 4.87 -18.37 16.82
N ARG A 288 6.14 -18.54 17.15
CA ARG A 288 6.84 -17.46 17.86
C ARG A 288 7.26 -16.40 16.85
N ILE A 289 7.02 -15.14 17.20
CA ILE A 289 7.15 -14.04 16.26
C ILE A 289 8.45 -13.27 16.48
N ARG A 290 9.04 -12.77 15.40
CA ARG A 290 10.15 -11.82 15.49
C ARG A 290 9.67 -10.50 16.10
N GLU A 291 8.61 -9.94 15.51
CA GLU A 291 8.01 -8.68 15.94
C GLU A 291 6.61 -8.50 15.32
N VAL A 292 5.66 -8.05 16.13
CA VAL A 292 4.31 -7.77 15.64
C VAL A 292 4.33 -6.44 14.91
N VAL A 293 4.28 -6.50 13.58
CA VAL A 293 4.29 -5.32 12.74
C VAL A 293 2.89 -4.68 12.68
N ASP A 294 1.89 -5.49 12.35
CA ASP A 294 0.54 -5.00 12.18
C ASP A 294 -0.35 -6.23 12.30
N THR A 295 -1.20 -6.27 13.33
CA THR A 295 -2.13 -7.40 13.57
C THR A 295 -3.26 -7.47 12.55
N THR A 296 -3.37 -6.47 11.68
CA THR A 296 -4.48 -6.48 10.70
C THR A 296 -4.49 -7.78 9.88
N GLY A 297 -5.65 -8.43 9.85
CA GLY A 297 -5.82 -9.65 9.09
C GLY A 297 -5.53 -10.95 9.83
N ALA A 298 -5.09 -10.88 11.09
CA ALA A 298 -4.70 -12.11 11.83
C ALA A 298 -5.82 -13.14 11.88
N GLY A 299 -6.99 -12.73 12.40
CA GLY A 299 -8.14 -13.63 12.48
C GLY A 299 -8.61 -14.12 11.12
N ASP A 300 -8.59 -13.24 10.12
CA ASP A 300 -8.98 -13.61 8.76
C ASP A 300 -8.13 -14.74 8.19
N LEU A 301 -6.82 -14.62 8.38
CA LEU A 301 -5.90 -15.60 7.83
C LEU A 301 -5.82 -16.86 8.69
N PHE A 302 -6.13 -16.75 9.99
CA PHE A 302 -6.40 -17.94 10.77
C PHE A 302 -7.55 -18.74 10.14
N ALA A 303 -8.63 -18.06 9.77
CA ALA A 303 -9.69 -18.79 9.12
C ALA A 303 -9.27 -19.35 7.77
N SER A 304 -8.38 -18.65 7.07
CA SER A 304 -7.86 -19.18 5.80
C SER A 304 -7.18 -20.54 5.98
N GLY A 305 -6.19 -20.60 6.87
CA GLY A 305 -5.47 -21.84 7.15
C GLY A 305 -6.34 -22.96 7.67
N PHE A 306 -7.22 -22.64 8.61
CA PHE A 306 -8.14 -23.61 9.18
C PHE A 306 -9.03 -24.19 8.10
N LEU A 307 -9.61 -23.32 7.27
CA LEU A 307 -10.58 -23.79 6.30
C LEU A 307 -9.94 -24.50 5.12
N TYR A 308 -8.72 -24.08 4.75
CA TYR A 308 -7.90 -24.81 3.77
C TYR A 308 -7.64 -26.24 4.28
N GLY A 309 -7.19 -26.35 5.52
CA GLY A 309 -7.00 -27.65 6.17
C GLY A 309 -8.26 -28.50 6.22
N TYR A 310 -9.35 -27.86 6.64
CA TYR A 310 -10.63 -28.53 6.81
C TYR A 310 -11.16 -29.13 5.52
N THR A 311 -11.07 -28.37 4.44
CA THR A 311 -11.59 -28.82 3.14
C THR A 311 -10.62 -29.79 2.43
N GLN A 312 -9.40 -29.89 2.94
CA GLN A 312 -8.44 -30.89 2.47
C GLN A 312 -8.52 -32.21 3.27
N GLY A 313 -9.44 -32.26 4.22
CA GLY A 313 -9.65 -33.46 5.04
C GLY A 313 -8.70 -33.64 6.22
N ARG A 314 -8.00 -32.57 6.59
CA ARG A 314 -7.03 -32.62 7.69
C ARG A 314 -7.67 -32.74 9.07
N SER A 315 -6.92 -33.28 10.04
CA SER A 315 -7.34 -33.28 11.43
C SER A 315 -7.60 -31.83 11.89
N LEU A 316 -8.50 -31.68 12.84
CA LEU A 316 -8.75 -30.38 13.48
C LEU A 316 -7.48 -29.74 14.09
N GLU A 317 -6.61 -30.55 14.71
CA GLU A 317 -5.35 -29.96 15.20
C GLU A 317 -4.55 -29.38 14.03
N ASP A 318 -4.49 -30.10 12.92
CA ASP A 318 -3.70 -29.65 11.77
C ASP A 318 -4.35 -28.41 11.11
N CYS A 319 -5.68 -28.33 11.18
CA CYS A 319 -6.39 -27.13 10.68
C CYS A 319 -6.03 -25.93 11.54
N GLY A 320 -6.09 -26.11 12.86
CA GLY A 320 -5.51 -25.16 13.81
C GLY A 320 -4.06 -24.75 13.54
N LYS A 321 -3.17 -25.72 13.29
CA LYS A 321 -1.76 -25.38 12.97
C LYS A 321 -1.63 -24.54 11.71
N LEU A 322 -2.38 -24.92 10.66
CA LEU A 322 -2.36 -24.17 9.39
C LEU A 322 -2.90 -22.75 9.62
N GLY A 323 -3.92 -22.64 10.45
CA GLY A 323 -4.40 -21.33 10.87
C GLY A 323 -3.39 -20.46 11.57
N CYS A 324 -2.71 -21.03 12.56
CA CYS A 324 -1.73 -20.28 13.28
C CYS A 324 -0.58 -19.88 12.35
N LEU A 325 -0.18 -20.77 11.45
CA LEU A 325 0.89 -20.45 10.50
C LEU A 325 0.52 -19.23 9.65
N ALA A 326 -0.67 -19.26 9.07
CA ALA A 326 -1.09 -18.16 8.22
C ALA A 326 -1.23 -16.81 8.98
N ALA A 327 -1.86 -16.85 10.16
CA ALA A 327 -1.96 -15.69 11.05
C ALA A 327 -0.59 -15.12 11.46
N GLY A 328 0.34 -15.99 11.85
CA GLY A 328 1.68 -15.55 12.23
C GLY A 328 2.42 -14.81 11.14
N ILE A 329 2.26 -15.29 9.91
CA ILE A 329 2.89 -14.66 8.74
C ILE A 329 2.28 -13.28 8.47
N VAL A 330 0.95 -13.21 8.45
CA VAL A 330 0.27 -11.92 8.11
C VAL A 330 0.53 -10.79 9.14
N ILE A 331 0.76 -11.13 10.41
CA ILE A 331 1.06 -10.08 11.39
C ILE A 331 2.50 -9.52 11.34
N GLN A 332 3.36 -10.15 10.55
CA GLN A 332 4.74 -9.67 10.38
C GLN A 332 4.91 -8.78 9.16
N GLN A 333 3.80 -8.33 8.60
CA GLN A 333 3.83 -7.43 7.44
C GLN A 333 2.77 -6.35 7.60
N ILE A 334 2.95 -5.25 6.87
CA ILE A 334 1.92 -4.23 6.82
C ILE A 334 0.85 -4.69 5.81
N GLY A 335 -0.42 -4.48 6.14
CA GLY A 335 -1.51 -4.91 5.24
C GLY A 335 -2.05 -6.31 5.51
N PRO A 336 -3.32 -6.55 5.13
CA PRO A 336 -4.08 -7.72 5.58
C PRO A 336 -3.94 -9.01 4.77
N ARG A 337 -3.34 -8.95 3.59
CA ARG A 337 -3.20 -10.14 2.77
C ARG A 337 -1.72 -10.44 2.54
N PRO A 338 -1.27 -11.65 2.90
CA PRO A 338 0.16 -11.96 2.79
C PRO A 338 0.72 -11.77 1.39
N MSE A 339 1.87 -11.11 1.33
CA MSE A 339 2.59 -10.85 0.07
C MSE A 339 3.53 -11.96 -0.28
O MSE A 339 4.14 -11.93 -1.36
CB MSE A 339 3.35 -9.53 0.25
CG MSE A 339 2.35 -8.38 0.35
SE MSE A 339 3.24 -6.65 0.76
CE MSE A 339 3.80 -7.02 2.62
N THR A 340 3.66 -12.96 0.59
CA THR A 340 4.54 -14.11 0.37
C THR A 340 3.73 -15.40 0.13
N SER A 341 4.40 -16.50 -0.20
CA SER A 341 3.68 -17.76 -0.47
C SER A 341 3.35 -18.50 0.82
N LEU A 342 2.06 -18.65 1.10
CA LEU A 342 1.61 -19.43 2.26
C LEU A 342 1.81 -20.92 2.02
N SER A 343 1.53 -21.36 0.79
CA SER A 343 1.73 -22.76 0.42
C SER A 343 3.21 -23.18 0.62
N GLU A 344 4.15 -22.30 0.26
CA GLU A 344 5.59 -22.61 0.45
C GLU A 344 5.96 -22.60 1.93
N ALA A 345 5.35 -21.68 2.68
CA ALA A 345 5.57 -21.64 4.13
C ALA A 345 5.02 -22.92 4.79
N ALA A 346 3.80 -23.30 4.42
CA ALA A 346 3.23 -24.58 4.89
C ALA A 346 4.08 -25.82 4.54
N LYS A 347 4.66 -25.86 3.34
CA LYS A 347 5.53 -26.98 2.93
C LYS A 347 6.78 -27.02 3.82
N GLN A 348 7.40 -25.87 4.01
CA GLN A 348 8.59 -25.74 4.87
C GLN A 348 8.26 -26.17 6.31
N ALA A 349 7.01 -25.92 6.72
CA ALA A 349 6.54 -26.24 8.07
C ALA A 349 6.11 -27.71 8.22
N GLY A 350 6.15 -28.47 7.13
CA GLY A 350 5.76 -29.87 7.16
C GLY A 350 4.26 -30.08 7.37
N LEU A 351 3.48 -29.03 7.13
CA LEU A 351 2.02 -29.14 7.17
C LEU A 351 1.56 -29.41 5.74
N ILE A 352 2.31 -28.87 4.79
CA ILE A 352 2.25 -29.19 3.36
C ILE A 352 0.94 -28.81 2.65
N MSE B 23 14.24 35.17 6.13
CA MSE B 23 13.50 33.87 6.20
C MSE B 23 12.53 33.77 5.05
O MSE B 23 11.77 34.70 4.78
CB MSE B 23 12.77 33.70 7.53
CG MSE B 23 12.28 35.02 8.13
SE MSE B 23 10.85 34.68 9.44
CE MSE B 23 9.66 36.15 8.92
N THR B 24 12.58 32.64 4.36
CA THR B 24 11.72 32.39 3.20
C THR B 24 10.68 31.33 3.56
N ARG B 25 9.68 31.15 2.70
CA ARG B 25 8.60 30.20 3.02
C ARG B 25 8.99 28.74 2.83
N PHE B 26 9.79 28.46 1.81
CA PHE B 26 10.11 27.09 1.46
C PHE B 26 11.60 26.85 1.32
N ASP B 27 12.05 25.70 1.77
CA ASP B 27 13.40 25.25 1.50
C ASP B 27 13.48 24.67 0.09
N VAL B 28 12.53 23.81 -0.24
CA VAL B 28 12.55 23.07 -1.50
C VAL B 28 11.15 23.00 -2.09
N LEU B 29 11.00 23.55 -3.30
CA LEU B 29 9.86 23.24 -4.14
C LEU B 29 10.28 22.18 -5.15
N THR B 30 9.48 21.14 -5.30
CA THR B 30 9.70 20.18 -6.38
C THR B 30 8.52 20.22 -7.37
N VAL B 31 8.80 19.86 -8.61
CA VAL B 31 7.82 19.82 -9.69
C VAL B 31 8.00 18.51 -10.43
N GLY B 32 6.89 17.80 -10.65
CA GLY B 32 6.97 16.54 -11.35
C GLY B 32 5.64 15.92 -11.73
N ASN B 33 5.72 14.72 -12.28
CA ASN B 33 4.53 13.95 -12.64
C ASN B 33 3.87 13.37 -11.40
N ALA B 34 2.64 13.79 -11.15
CA ALA B 34 1.90 13.32 -9.97
C ALA B 34 1.28 11.95 -10.24
N ILE B 35 1.77 10.94 -9.52
CA ILE B 35 1.51 9.54 -9.89
C ILE B 35 1.16 8.78 -8.62
N VAL B 36 0.20 7.86 -8.71
CA VAL B 36 0.01 6.84 -7.66
C VAL B 36 0.64 5.52 -8.10
N ASP B 37 1.48 4.93 -7.25
CA ASP B 37 2.12 3.65 -7.58
C ASP B 37 1.24 2.47 -7.25
N ILE B 38 1.31 1.44 -8.10
CA ILE B 38 0.63 0.19 -7.90
C ILE B 38 1.75 -0.84 -7.92
N ILE B 39 1.98 -1.46 -6.77
CA ILE B 39 3.21 -2.20 -6.52
C ILE B 39 2.94 -3.69 -6.27
N SER B 40 3.69 -4.54 -6.98
CA SER B 40 3.53 -5.98 -6.86
C SER B 40 4.88 -6.63 -7.09
N ARG B 41 5.05 -7.83 -6.54
CA ARG B 41 6.27 -8.60 -6.77
C ARG B 41 6.08 -9.54 -7.94
N CYS B 42 7.15 -9.81 -8.67
CA CYS B 42 7.11 -10.75 -9.80
C CYS B 42 8.46 -11.46 -9.94
N ASN B 43 8.50 -12.53 -10.74
CA ASN B 43 9.79 -13.16 -11.06
C ASN B 43 10.40 -12.49 -12.29
N ASP B 44 11.66 -12.80 -12.58
CA ASP B 44 12.37 -12.18 -13.69
CA ASP B 44 12.39 -12.21 -13.69
C ASP B 44 11.74 -12.52 -15.04
N GLN B 45 11.11 -13.70 -15.11
CA GLN B 45 10.48 -14.19 -16.33
C GLN B 45 9.28 -13.33 -16.72
N PHE B 46 8.58 -12.79 -15.73
CA PHE B 46 7.42 -11.93 -15.97
C PHE B 46 7.79 -10.71 -16.83
N LEU B 47 8.93 -10.09 -16.50
CA LEU B 47 9.46 -8.94 -17.25
C LEU B 47 9.79 -9.27 -18.70
N ILE B 48 10.41 -10.43 -18.93
CA ILE B 48 10.74 -10.87 -20.28
C ILE B 48 9.47 -11.17 -21.07
N ASP B 49 8.54 -11.90 -20.46
CA ASP B 49 7.29 -12.28 -21.12
C ASP B 49 6.48 -11.07 -21.56
N ASN B 50 6.55 -10.01 -20.76
CA ASN B 50 5.79 -8.79 -21.01
C ASN B 50 6.61 -7.67 -21.62
N GLN B 51 7.83 -8.01 -22.03
CA GLN B 51 8.77 -7.06 -22.64
C GLN B 51 8.88 -5.75 -21.85
N ILE B 52 9.04 -5.88 -20.53
CA ILE B 52 9.25 -4.76 -19.63
C ILE B 52 10.75 -4.58 -19.46
N THR B 53 11.26 -3.39 -19.77
CA THR B 53 12.67 -3.09 -19.58
C THR B 53 12.97 -3.01 -18.07
N LYS B 54 13.78 -3.94 -17.58
CA LYS B 54 14.08 -4.01 -16.16
C LYS B 54 14.78 -2.73 -15.66
N ALA B 55 14.35 -2.27 -14.50
CA ALA B 55 14.97 -1.14 -13.78
C ALA B 55 14.72 0.19 -14.43
N ALA B 56 13.81 0.23 -15.41
CA ALA B 56 13.57 1.40 -16.23
C ALA B 56 12.19 1.92 -15.97
N MSE B 57 11.94 3.16 -16.41
CA MSE B 57 10.60 3.73 -16.47
C MSE B 57 10.15 3.49 -17.89
O MSE B 57 10.76 4.02 -18.84
CB MSE B 57 10.73 5.22 -16.18
CG MSE B 57 9.43 5.84 -15.73
SE MSE B 57 8.27 6.15 -17.29
CE MSE B 57 9.29 7.62 -18.15
N ASN B 58 9.09 2.69 -18.05
CA ASN B 58 8.51 2.36 -19.35
C ASN B 58 7.21 3.12 -19.52
N LEU B 59 7.13 4.02 -20.51
CA LEU B 59 5.87 4.74 -20.72
C LEU B 59 4.89 3.81 -21.43
N ILE B 60 3.62 3.88 -21.03
CA ILE B 60 2.56 3.04 -21.62
C ILE B 60 1.28 3.84 -21.90
N ASP B 61 0.51 3.44 -22.92
CA ASP B 61 -0.80 4.04 -23.16
C ASP B 61 -1.87 3.40 -22.29
N ALA B 62 -3.10 3.90 -22.39
CA ALA B 62 -4.20 3.38 -21.59
C ALA B 62 -4.46 1.89 -21.82
N GLU B 63 -4.41 1.44 -23.09
CA GLU B 63 -4.63 0.04 -23.45
C GLU B 63 -3.59 -0.90 -22.84
N ARG B 64 -2.32 -0.55 -22.98
CA ARG B 64 -1.25 -1.36 -22.37
C ARG B 64 -1.35 -1.39 -20.85
N ALA B 65 -1.76 -0.28 -20.25
CA ALA B 65 -1.99 -0.21 -18.81
C ALA B 65 -3.00 -1.24 -18.38
N GLU B 66 -4.12 -1.33 -19.11
CA GLU B 66 -5.17 -2.28 -18.79
C GLU B 66 -4.61 -3.70 -18.92
N LEU B 67 -3.83 -3.91 -19.98
CA LEU B 67 -3.31 -5.22 -20.31
C LEU B 67 -2.34 -5.66 -19.21
N LEU B 68 -1.36 -4.82 -18.89
CA LEU B 68 -0.41 -5.16 -17.82
C LEU B 68 -1.07 -5.37 -16.46
N TYR B 69 -2.05 -4.54 -16.12
CA TYR B 69 -2.76 -4.68 -14.85
C TYR B 69 -3.44 -6.05 -14.78
N SER B 70 -4.05 -6.49 -15.89
CA SER B 70 -4.75 -7.77 -15.94
C SER B 70 -3.81 -8.95 -15.66
N ARG B 71 -2.52 -8.74 -15.87
CA ARG B 71 -1.50 -9.77 -15.71
C ARG B 71 -0.75 -9.65 -14.40
N MSE B 72 -0.98 -8.55 -13.71
CA MSE B 72 -0.27 -8.24 -12.49
C MSE B 72 -0.89 -8.97 -11.33
O MSE B 72 -2.10 -9.20 -11.29
CB MSE B 72 -0.34 -6.74 -12.31
CG MSE B 72 0.58 -6.33 -11.16
SE MSE B 72 0.26 -4.43 -10.86
CE MSE B 72 2.04 -3.82 -10.29
N GLY B 73 -0.07 -9.31 -10.36
CA GLY B 73 -0.59 -9.98 -9.17
C GLY B 73 -1.31 -9.01 -8.24
N PRO B 74 -1.77 -9.52 -7.09
CA PRO B 74 -2.32 -8.64 -6.07
C PRO B 74 -1.30 -7.56 -5.72
N ALA B 75 -1.78 -6.35 -5.48
CA ALA B 75 -0.93 -5.16 -5.37
C ALA B 75 -1.27 -4.28 -4.18
N LEU B 76 -0.35 -3.39 -3.82
CA LEU B 76 -0.67 -2.31 -2.91
C LEU B 76 -0.51 -1.00 -3.64
N GLU B 77 -1.18 0.02 -3.16
CA GLU B 77 -1.09 1.34 -3.77
C GLU B 77 -0.42 2.28 -2.80
N ALA B 78 0.42 3.15 -3.34
CA ALA B 78 1.06 4.17 -2.54
C ALA B 78 1.34 5.38 -3.41
N SER B 79 1.08 6.58 -2.89
CA SER B 79 1.54 7.80 -3.57
C SER B 79 3.01 7.75 -3.97
N GLY B 80 3.26 8.06 -5.24
CA GLY B 80 4.58 8.06 -5.86
C GLY B 80 4.87 9.39 -6.57
N GLY B 81 5.49 9.30 -7.73
CA GLY B 81 5.98 10.48 -8.46
C GLY B 81 7.37 10.85 -7.93
N SER B 82 8.39 10.80 -8.77
CA SER B 82 9.76 11.08 -8.33
CA SER B 82 9.76 11.08 -8.31
C SER B 82 9.88 12.34 -7.44
N ALA B 83 9.48 13.49 -7.99
CA ALA B 83 9.55 14.76 -7.27
C ALA B 83 8.60 14.84 -6.06
N GLY B 84 7.43 14.18 -6.17
CA GLY B 84 6.51 14.05 -5.04
C GLY B 84 7.19 13.33 -3.88
N ASN B 85 7.83 12.21 -4.17
CA ASN B 85 8.64 11.49 -3.14
C ASN B 85 9.69 12.39 -2.50
N THR B 86 10.41 13.15 -3.35
CA THR B 86 11.46 14.07 -2.89
C THR B 86 10.88 15.17 -2.00
N ALA B 87 9.74 15.75 -2.38
CA ALA B 87 9.10 16.74 -1.49
C ALA B 87 8.73 16.13 -0.12
N ALA B 88 8.16 14.92 -0.14
CA ALA B 88 7.73 14.21 1.07
C ALA B 88 8.93 13.96 1.98
N GLY B 89 10.05 13.51 1.40
CA GLY B 89 11.29 13.27 2.13
C GLY B 89 11.84 14.50 2.82
N VAL B 90 11.83 15.63 2.12
CA VAL B 90 12.30 16.90 2.71
C VAL B 90 11.44 17.30 3.90
N ALA B 91 10.11 17.22 3.73
CA ALA B 91 9.17 17.48 4.82
C ALA B 91 9.40 16.51 5.99
N ASN B 92 9.58 15.23 5.66
CA ASN B 92 9.85 14.19 6.65
C ASN B 92 11.07 14.55 7.50
N LEU B 93 12.17 14.93 6.86
CA LEU B 93 13.42 15.36 7.53
C LEU B 93 13.26 16.62 8.38
N GLY B 94 12.17 17.34 8.16
CA GLY B 94 11.90 18.57 8.92
C GLY B 94 12.10 19.84 8.13
N GLY B 95 12.32 19.70 6.83
CA GLY B 95 12.43 20.86 5.95
C GLY B 95 11.04 21.38 5.55
N LYS B 96 11.02 22.53 4.89
CA LYS B 96 9.75 23.10 4.46
C LYS B 96 9.68 22.89 2.96
N ALA B 97 8.69 22.09 2.52
CA ALA B 97 8.58 21.71 1.10
C ALA B 97 7.25 22.10 0.46
N ALA B 98 7.32 22.36 -0.84
CA ALA B 98 6.14 22.57 -1.69
C ALA B 98 6.22 21.69 -2.93
N TYR B 99 5.08 21.46 -3.58
CA TYR B 99 5.08 20.63 -4.77
C TYR B 99 4.10 21.15 -5.82
N PHE B 100 4.52 21.16 -7.07
CA PHE B 100 3.55 21.25 -8.22
C PHE B 100 3.46 19.93 -9.00
N GLY B 101 2.24 19.47 -9.25
CA GLY B 101 1.98 18.32 -10.13
C GLY B 101 0.47 18.17 -10.29
N ASN B 102 0.05 17.66 -11.44
CA ASN B 102 -1.38 17.66 -11.76
C ASN B 102 -2.02 16.29 -11.68
N VAL B 103 -3.06 16.16 -10.85
CA VAL B 103 -3.87 14.94 -10.77
C VAL B 103 -5.26 15.22 -11.35
N ALA B 104 -6.06 14.18 -11.52
CA ALA B 104 -7.50 14.32 -11.88
C ALA B 104 -8.36 14.47 -10.62
N ALA B 105 -9.61 14.90 -10.82
CA ALA B 105 -10.59 14.94 -9.76
C ALA B 105 -11.19 13.53 -9.62
N ASP B 106 -10.41 12.59 -9.11
CA ASP B 106 -10.86 11.21 -8.95
C ASP B 106 -10.30 10.65 -7.64
N GLN B 107 -10.61 9.40 -7.35
CA GLN B 107 -10.20 8.77 -6.09
C GLN B 107 -8.70 8.69 -5.95
N LEU B 108 -8.03 8.28 -7.02
CA LEU B 108 -6.55 8.24 -7.09
C LEU B 108 -5.95 9.62 -6.84
N GLY B 109 -6.56 10.66 -7.43
CA GLY B 109 -6.09 12.02 -7.20
C GLY B 109 -6.29 12.47 -5.77
N ASP B 110 -7.40 12.06 -5.15
CA ASP B 110 -7.68 12.37 -3.74
C ASP B 110 -6.62 11.71 -2.83
N ILE B 111 -6.22 10.49 -3.18
CA ILE B 111 -5.21 9.75 -2.39
C ILE B 111 -3.89 10.53 -2.49
N PHE B 112 -3.44 10.81 -3.71
CA PHE B 112 -2.25 11.61 -3.93
C PHE B 112 -2.31 12.93 -3.15
N THR B 113 -3.40 13.68 -3.28
CA THR B 113 -3.51 14.98 -2.61
C THR B 113 -3.39 14.82 -1.08
N HIS B 114 -4.07 13.82 -0.56
CA HIS B 114 -4.07 13.57 0.87
C HIS B 114 -2.65 13.28 1.34
N ASP B 115 -1.96 12.38 0.65
CA ASP B 115 -0.68 11.85 1.15
C ASP B 115 0.41 12.92 1.21
N ILE B 116 0.49 13.72 0.16
CA ILE B 116 1.53 14.75 0.09
CA ILE B 116 1.52 14.76 0.09
C ILE B 116 1.28 15.88 1.11
N ARG B 117 0.03 16.33 1.22
CA ARG B 117 -0.38 17.34 2.20
C ARG B 117 -0.26 16.82 3.64
N ALA B 118 -0.61 15.54 3.85
CA ALA B 118 -0.52 14.90 5.19
C ALA B 118 0.92 14.89 5.72
N GLN B 119 1.87 14.83 4.80
CA GLN B 119 3.29 14.90 5.14
C GLN B 119 3.76 16.32 5.49
N GLY B 120 2.92 17.32 5.24
CA GLY B 120 3.27 18.71 5.52
C GLY B 120 3.84 19.46 4.32
N VAL B 121 3.64 18.90 3.13
CA VAL B 121 4.07 19.57 1.90
C VAL B 121 2.94 20.48 1.39
N HIS B 122 3.28 21.73 1.06
CA HIS B 122 2.36 22.66 0.40
C HIS B 122 2.03 22.15 -1.00
N TYR B 123 0.75 21.83 -1.21
CA TYR B 123 0.30 21.29 -2.50
C TYR B 123 -1.06 21.90 -2.86
N GLN B 124 -1.04 22.75 -3.88
CA GLN B 124 -2.22 23.51 -4.25
CA GLN B 124 -2.21 23.54 -4.26
C GLN B 124 -2.61 23.41 -5.73
N THR B 125 -1.92 22.55 -6.47
CA THR B 125 -2.25 22.37 -7.89
C THR B 125 -3.71 21.88 -8.08
N LYS B 126 -4.50 22.62 -8.85
CA LYS B 126 -5.91 22.28 -9.06
C LYS B 126 -6.11 21.26 -10.16
N PRO B 127 -6.91 20.20 -9.90
CA PRO B 127 -7.25 19.29 -10.98
C PRO B 127 -8.11 20.01 -12.02
N LYS B 128 -8.02 19.58 -13.27
CA LYS B 128 -8.72 20.26 -14.36
C LYS B 128 -9.94 19.49 -14.84
N GLY B 129 -10.18 18.35 -14.20
CA GLY B 129 -11.30 17.48 -14.51
C GLY B 129 -11.01 16.06 -14.11
N ALA B 130 -11.91 15.15 -14.48
CA ALA B 130 -11.77 13.73 -14.16
C ALA B 130 -11.07 12.92 -15.25
N PHE B 131 -11.03 13.43 -16.49
CA PHE B 131 -10.31 12.77 -17.59
C PHE B 131 -9.32 13.73 -18.27
N PRO B 132 -8.09 13.26 -18.59
CA PRO B 132 -7.55 11.92 -18.26
C PRO B 132 -7.48 11.68 -16.76
N PRO B 133 -7.56 10.40 -16.35
CA PRO B 133 -7.57 10.10 -14.94
C PRO B 133 -6.15 10.26 -14.36
N THR B 134 -6.06 10.29 -13.04
CA THR B 134 -4.75 10.46 -12.34
C THR B 134 -3.72 9.42 -12.80
N ALA B 135 -2.47 9.87 -13.02
CA ALA B 135 -1.37 8.99 -13.48
C ALA B 135 -1.19 7.84 -12.48
N ARG B 136 -0.85 6.68 -13.00
CA ARG B 136 -0.49 5.52 -12.18
C ARG B 136 0.71 4.82 -12.79
N SER B 137 1.52 4.20 -11.94
CA SER B 137 2.65 3.43 -12.41
C SER B 137 2.56 2.06 -11.78
N MSE B 138 2.54 1.02 -12.61
CA MSE B 138 2.61 -0.36 -12.12
C MSE B 138 4.06 -0.68 -12.00
O MSE B 138 4.81 -0.69 -12.96
CB MSE B 138 1.91 -1.25 -13.11
CG MSE B 138 0.44 -1.08 -12.80
SE MSE B 138 -0.46 -2.02 -14.25
CE MSE B 138 -0.29 -0.60 -15.61
N ILE B 139 4.47 -0.94 -10.77
CA ILE B 139 5.87 -1.16 -10.45
C ILE B 139 6.02 -2.61 -10.02
N PHE B 140 6.90 -3.32 -10.72
CA PHE B 140 7.12 -4.73 -10.47
C PHE B 140 8.47 -4.84 -9.80
N VAL B 141 8.47 -5.42 -8.61
CA VAL B 141 9.69 -5.57 -7.84
C VAL B 141 10.15 -7.04 -7.91
N THR B 142 11.36 -7.24 -8.41
CA THR B 142 11.91 -8.58 -8.59
C THR B 142 12.67 -8.98 -7.33
N GLU B 143 13.02 -10.27 -7.23
CA GLU B 143 13.61 -10.86 -6.02
C GLU B 143 14.86 -10.14 -5.53
N ASP B 144 15.59 -9.53 -6.47
CA ASP B 144 16.79 -8.75 -6.17
C ASP B 144 16.48 -7.35 -5.64
N GLY B 145 15.19 -6.99 -5.61
CA GLY B 145 14.78 -5.71 -5.06
C GLY B 145 14.74 -4.59 -6.08
N GLU B 146 15.17 -4.87 -7.30
CA GLU B 146 15.11 -3.90 -8.38
C GLU B 146 13.64 -3.64 -8.71
N ARG B 147 13.37 -2.43 -9.21
CA ARG B 147 12.01 -2.08 -9.61
CA ARG B 147 12.01 -2.05 -9.60
C ARG B 147 11.87 -1.62 -11.10
N SER B 148 10.81 -2.13 -11.72
CA SER B 148 10.59 -1.87 -13.13
C SER B 148 9.21 -1.23 -13.27
N MSE B 149 9.19 -0.01 -13.79
CA MSE B 149 7.99 0.83 -13.70
C MSE B 149 7.33 0.99 -15.05
O MSE B 149 8.01 1.11 -16.07
CB MSE B 149 8.39 2.21 -13.18
CG MSE B 149 9.13 2.07 -11.85
SE MSE B 149 9.28 3.85 -11.03
CE MSE B 149 10.45 4.76 -12.32
N ASN B 150 6.01 1.02 -15.03
CA ASN B 150 5.20 1.06 -16.24
C ASN B 150 4.11 2.09 -16.03
N THR B 151 4.33 3.24 -16.65
CA THR B 151 3.66 4.47 -16.23
C THR B 151 2.71 4.99 -17.30
N TYR B 152 1.46 5.16 -16.89
CA TYR B 152 0.46 5.80 -17.73
C TYR B 152 0.28 7.21 -17.18
N LEU B 153 0.74 8.20 -17.94
CA LEU B 153 0.79 9.61 -17.50
C LEU B 153 -0.58 10.28 -17.22
N GLY B 154 -1.64 9.83 -17.88
CA GLY B 154 -2.98 10.36 -17.56
C GLY B 154 -2.98 11.88 -17.43
N ALA B 155 -3.51 12.37 -16.29
CA ALA B 155 -3.62 13.82 -16.02
C ALA B 155 -2.31 14.60 -15.99
N CYS B 156 -1.16 13.93 -15.82
CA CYS B 156 0.14 14.62 -15.93
C CYS B 156 0.31 15.38 -17.26
N VAL B 157 -0.35 14.93 -18.32
CA VAL B 157 -0.20 15.61 -19.63
C VAL B 157 -0.75 17.04 -19.60
N GLU B 158 -1.56 17.36 -18.59
CA GLU B 158 -2.18 18.69 -18.51
C GLU B 158 -1.40 19.74 -17.72
N LEU B 159 -0.33 19.35 -17.05
CA LEU B 159 0.50 20.31 -16.34
C LEU B 159 1.11 21.31 -17.32
N GLY B 160 0.99 22.59 -16.99
CA GLY B 160 1.61 23.65 -17.80
C GLY B 160 1.88 24.92 -17.02
N PRO B 161 2.19 26.03 -17.74
CA PRO B 161 2.47 27.33 -17.14
C PRO B 161 1.42 27.81 -16.13
N GLU B 162 0.16 27.43 -16.33
CA GLU B 162 -0.94 27.91 -15.47
C GLU B 162 -0.82 27.33 -14.07
N ASP B 163 -0.04 26.28 -13.96
CA ASP B 163 0.16 25.62 -12.68
C ASP B 163 1.36 26.16 -11.91
N VAL B 164 2.06 27.16 -12.45
CA VAL B 164 3.18 27.77 -11.72
C VAL B 164 2.63 28.78 -10.71
N GLU B 165 2.81 28.49 -9.43
CA GLU B 165 2.49 29.44 -8.37
C GLU B 165 3.73 30.30 -8.19
N ALA B 166 3.73 31.46 -8.86
CA ALA B 166 4.93 32.27 -8.97
C ALA B 166 5.49 32.70 -7.60
N ASP B 167 4.59 33.02 -6.66
CA ASP B 167 4.97 33.39 -5.29
C ASP B 167 5.74 32.26 -4.60
N VAL B 168 5.32 31.03 -4.85
CA VAL B 168 5.98 29.84 -4.24
C VAL B 168 7.39 29.66 -4.79
N VAL B 169 7.53 29.77 -6.10
CA VAL B 169 8.85 29.72 -6.74
C VAL B 169 9.73 30.85 -6.19
N ALA B 170 9.19 32.06 -6.14
CA ALA B 170 9.91 33.23 -5.64
C ALA B 170 10.37 33.03 -4.19
N ASP B 171 9.58 32.28 -3.41
CA ASP B 171 9.82 32.08 -1.97
C ASP B 171 10.46 30.74 -1.61
N ALA B 172 11.08 30.06 -2.58
CA ALA B 172 11.72 28.78 -2.30
C ALA B 172 13.22 28.80 -2.57
N LYS B 173 13.99 28.31 -1.61
CA LYS B 173 15.44 28.35 -1.74
C LYS B 173 15.89 27.58 -2.98
N VAL B 174 15.39 26.35 -3.12
CA VAL B 174 15.65 25.53 -4.30
C VAL B 174 14.35 25.05 -4.95
N THR B 175 14.30 25.16 -6.28
CA THR B 175 13.21 24.53 -7.04
C THR B 175 13.82 23.38 -7.81
N TYR B 176 13.33 22.18 -7.54
CA TYR B 176 13.87 20.95 -8.10
C TYR B 176 12.81 20.32 -9.01
N PHE B 177 13.23 19.83 -10.16
CA PHE B 177 12.31 19.20 -11.10
C PHE B 177 12.82 17.92 -11.78
N GLU B 178 11.91 17.12 -12.31
CA GLU B 178 12.25 15.84 -12.99
C GLU B 178 12.56 15.99 -14.45
N GLY B 179 13.64 15.33 -14.88
CA GLY B 179 13.84 15.05 -16.31
C GLY B 179 12.61 14.42 -16.94
N TYR B 180 11.89 13.61 -16.15
CA TYR B 180 10.65 12.95 -16.59
C TYR B 180 9.62 13.94 -17.11
N LEU B 181 9.75 15.20 -16.72
CA LEU B 181 8.80 16.23 -17.18
C LEU B 181 8.90 16.54 -18.66
N TRP B 182 9.96 16.08 -19.32
CA TRP B 182 10.10 16.29 -20.76
C TRP B 182 9.17 15.40 -21.63
N ASP B 183 8.54 14.42 -21.01
CA ASP B 183 7.66 13.51 -21.73
C ASP B 183 6.28 14.14 -21.99
N PRO B 184 5.61 14.66 -20.95
CA PRO B 184 4.34 15.35 -21.26
C PRO B 184 4.56 16.63 -22.09
N PRO B 185 3.53 17.11 -22.79
CA PRO B 185 3.86 18.10 -23.82
C PRO B 185 4.23 19.51 -23.32
N ARG B 186 3.60 19.96 -22.24
CA ARG B 186 3.68 21.36 -21.87
C ARG B 186 4.36 21.63 -20.53
N ALA B 187 4.74 20.57 -19.81
CA ALA B 187 5.40 20.76 -18.53
C ALA B 187 6.71 21.57 -18.62
N LYS B 188 7.48 21.35 -19.70
CA LYS B 188 8.71 22.10 -19.95
C LYS B 188 8.55 23.63 -19.94
N GLU B 189 7.40 24.12 -20.41
CA GLU B 189 7.12 25.55 -20.37
C GLU B 189 6.98 26.02 -18.92
N ALA B 190 6.33 25.22 -18.08
CA ALA B 190 6.19 25.51 -16.66
C ALA B 190 7.56 25.62 -16.03
N ILE B 191 8.43 24.69 -16.40
CA ILE B 191 9.80 24.67 -15.86
C ILE B 191 10.63 25.88 -16.30
N LEU B 192 10.56 26.21 -17.59
CA LEU B 192 11.25 27.41 -18.06
C LEU B 192 10.79 28.66 -17.29
N ASP B 193 9.52 28.73 -16.91
CA ASP B 193 8.99 29.84 -16.11
C ASP B 193 9.52 29.81 -14.68
N CYS B 194 9.55 28.63 -14.08
CA CYS B 194 10.15 28.43 -12.76
C CYS B 194 11.57 28.94 -12.73
N ALA B 195 12.37 28.54 -13.72
CA ALA B 195 13.79 28.90 -13.78
C ALA B 195 13.99 30.41 -13.79
N ARG B 196 13.19 31.10 -14.61
CA ARG B 196 13.24 32.56 -14.70
C ARG B 196 12.87 33.21 -13.37
N ILE B 197 11.73 32.81 -12.79
CA ILE B 197 11.29 33.35 -11.50
C ILE B 197 12.31 33.07 -10.40
N ALA B 198 12.77 31.82 -10.30
CA ALA B 198 13.75 31.43 -9.26
C ALA B 198 15.02 32.27 -9.35
N HIS B 199 15.59 32.39 -10.55
CA HIS B 199 16.85 33.10 -10.71
C HIS B 199 16.74 34.62 -10.54
N GLN B 200 15.59 35.18 -10.90
CA GLN B 200 15.31 36.59 -10.65
C GLN B 200 15.25 36.92 -9.16
N HIS B 201 14.88 35.93 -8.36
CA HIS B 201 14.78 36.10 -6.92
C HIS B 201 16.00 35.49 -6.21
N GLY B 202 17.06 35.20 -6.97
CA GLY B 202 18.32 34.72 -6.42
C GLY B 202 18.28 33.33 -5.79
N ARG B 203 17.35 32.51 -6.26
CA ARG B 203 17.19 31.15 -5.76
C ARG B 203 17.95 30.21 -6.68
N GLU B 204 17.94 28.92 -6.37
CA GLU B 204 18.63 27.98 -7.23
C GLU B 204 17.71 26.94 -7.83
N MSE B 205 18.09 26.45 -9.00
CA MSE B 205 17.35 25.42 -9.73
C MSE B 205 18.11 24.12 -9.72
O MSE B 205 19.33 24.10 -9.87
CB MSE B 205 17.22 25.78 -11.19
CG MSE B 205 16.39 27.03 -11.45
SE MSE B 205 14.52 26.65 -10.99
CE MSE B 205 14.10 25.22 -12.28
N SER B 206 17.38 23.02 -9.60
CA SER B 206 17.95 21.69 -9.58
C SER B 206 17.11 20.74 -10.41
N MSE B 207 17.76 19.75 -11.03
CA MSE B 207 17.05 18.69 -11.72
C MSE B 207 17.67 17.34 -11.50
O MSE B 207 18.86 17.22 -11.17
CB MSE B 207 17.01 19.00 -13.21
CG MSE B 207 18.20 18.45 -13.97
SE MSE B 207 17.92 18.80 -15.88
CE MSE B 207 16.59 17.42 -16.27
N THR B 208 16.84 16.31 -11.65
CA THR B 208 17.33 14.94 -11.71
C THR B 208 17.20 14.46 -13.16
N LEU B 209 18.21 13.72 -13.63
CA LEU B 209 18.18 13.13 -14.96
C LEU B 209 17.14 12.01 -15.08
N SER B 210 16.58 11.58 -13.93
CA SER B 210 15.45 10.66 -13.80
C SER B 210 15.67 9.19 -14.20
N ASP B 211 16.11 8.95 -15.42
CA ASP B 211 16.14 7.60 -15.99
C ASP B 211 17.04 7.64 -17.19
N SER B 212 17.82 6.58 -17.40
CA SER B 212 18.77 6.54 -18.50
C SER B 212 18.11 6.65 -19.88
N PHE B 213 16.94 6.05 -20.05
CA PHE B 213 16.21 6.14 -21.33
C PHE B 213 15.61 7.53 -21.50
N CYS B 214 15.19 8.14 -20.39
CA CYS B 214 14.74 9.53 -20.41
C CYS B 214 15.85 10.45 -20.89
N VAL B 215 17.08 10.24 -20.39
CA VAL B 215 18.24 10.97 -20.87
C VAL B 215 18.47 10.75 -22.36
N ASP B 216 18.29 9.51 -22.84
CA ASP B 216 18.46 9.16 -24.26
CA ASP B 216 18.51 9.25 -24.24
C ASP B 216 17.50 10.03 -25.09
N ARG B 217 16.28 10.16 -24.58
CA ARG B 217 15.22 10.90 -25.29
C ARG B 217 15.50 12.39 -25.34
N TYR B 218 16.08 12.96 -24.28
CA TYR B 218 16.20 14.42 -24.18
C TYR B 218 17.62 14.88 -23.90
N ARG B 219 18.60 14.15 -24.42
CA ARG B 219 20.00 14.40 -24.14
C ARG B 219 20.38 15.87 -24.36
N GLY B 220 20.16 16.35 -25.58
CA GLY B 220 20.52 17.71 -25.95
C GLY B 220 19.80 18.78 -25.15
N GLU B 221 18.50 18.54 -24.88
CA GLU B 221 17.70 19.44 -24.07
CA GLU B 221 17.73 19.48 -24.09
C GLU B 221 18.24 19.59 -22.66
N PHE B 222 18.61 18.45 -22.06
CA PHE B 222 19.13 18.45 -20.71
C PHE B 222 20.48 19.18 -20.65
N LEU B 223 21.37 18.89 -21.59
CA LEU B 223 22.68 19.57 -21.63
C LEU B 223 22.52 21.08 -21.78
N ASP B 224 21.52 21.49 -22.59
CA ASP B 224 21.22 22.90 -22.80
CA ASP B 224 21.24 22.91 -22.79
C ASP B 224 20.72 23.55 -21.51
N LEU B 225 19.85 22.86 -20.78
CA LEU B 225 19.37 23.34 -19.48
C LEU B 225 20.56 23.65 -18.55
N MSE B 226 21.52 22.74 -18.54
CA MSE B 226 22.70 22.88 -17.66
C MSE B 226 23.62 23.98 -18.15
O MSE B 226 23.91 24.92 -17.40
CB MSE B 226 23.40 21.52 -17.64
CG MSE B 226 22.69 20.54 -16.71
SE MSE B 226 23.29 18.71 -17.13
CE MSE B 226 25.07 18.73 -16.29
N ARG B 227 24.06 23.88 -19.40
CA ARG B 227 25.01 24.84 -19.99
C ARG B 227 24.51 26.29 -20.06
N SER B 228 23.20 26.48 -20.23
CA SER B 228 22.61 27.83 -20.25
C SER B 228 22.45 28.39 -18.84
N GLY B 229 22.69 27.56 -17.83
CA GLY B 229 22.59 28.00 -16.45
C GLY B 229 21.18 28.02 -15.88
N LYS B 230 20.20 27.49 -16.62
CA LYS B 230 18.82 27.36 -16.11
C LYS B 230 18.73 26.38 -14.95
N VAL B 231 19.64 25.40 -14.93
CA VAL B 231 19.77 24.39 -13.87
C VAL B 231 21.14 24.54 -13.20
N ASP B 232 21.12 24.65 -11.87
CA ASP B 232 22.32 24.89 -11.06
C ASP B 232 22.89 23.62 -10.48
N ILE B 233 22.02 22.75 -9.99
CA ILE B 233 22.41 21.53 -9.30
C ILE B 233 21.81 20.31 -9.98
N VAL B 234 22.64 19.37 -10.42
CA VAL B 234 22.14 18.19 -11.16
C VAL B 234 22.32 16.89 -10.38
N PHE B 235 21.25 16.11 -10.28
CA PHE B 235 21.30 14.75 -9.72
C PHE B 235 21.31 13.70 -10.81
N ALA B 236 22.20 12.71 -10.67
CA ALA B 236 22.26 11.59 -11.60
C ALA B 236 22.66 10.34 -10.87
N ASN B 237 22.29 9.17 -11.39
CA ASN B 237 22.97 7.93 -10.96
C ASN B 237 24.03 7.59 -12.02
N ARG B 238 24.76 6.49 -11.83
CA ARG B 238 25.86 6.14 -12.73
CA ARG B 238 25.86 6.15 -12.73
C ARG B 238 25.38 5.95 -14.17
N GLN B 239 24.27 5.22 -14.34
CA GLN B 239 23.75 4.92 -15.68
C GLN B 239 23.27 6.18 -16.41
N GLU B 240 22.64 7.09 -15.67
CA GLU B 240 22.20 8.37 -16.26
C GLU B 240 23.38 9.24 -16.68
N ALA B 241 24.44 9.24 -15.88
CA ALA B 241 25.63 10.02 -16.19
C ALA B 241 26.33 9.48 -17.46
N LEU B 242 26.44 8.15 -17.55
CA LEU B 242 26.99 7.48 -18.73
C LEU B 242 26.12 7.76 -19.97
N SER B 243 24.81 7.69 -19.79
CA SER B 243 23.87 7.95 -20.86
C SER B 243 23.99 9.39 -21.37
N LEU B 244 24.17 10.33 -20.45
CA LEU B 244 24.23 11.75 -20.81
C LEU B 244 25.35 12.02 -21.79
N TYR B 245 26.50 11.39 -21.56
CA TYR B 245 27.66 11.57 -22.44
C TYR B 245 27.89 10.43 -23.45
N GLN B 246 26.95 9.48 -23.48
CA GLN B 246 27.00 8.33 -24.40
C GLN B 246 28.34 7.62 -24.31
N THR B 247 28.77 7.35 -23.09
CA THR B 247 30.12 6.82 -22.84
C THR B 247 30.05 5.60 -21.90
N ASP B 248 31.10 4.78 -21.91
CA ASP B 248 31.22 3.70 -20.94
C ASP B 248 32.26 4.04 -19.88
N ASP B 249 32.88 5.20 -20.03
CA ASP B 249 33.94 5.66 -19.15
C ASP B 249 33.33 6.57 -18.09
N PHE B 250 33.17 6.01 -16.90
CA PHE B 250 32.57 6.76 -15.79
C PHE B 250 33.40 7.99 -15.40
N GLU B 251 34.72 7.87 -15.52
CA GLU B 251 35.60 8.99 -15.19
C GLU B 251 35.36 10.18 -16.11
N GLU B 252 35.24 9.90 -17.41
CA GLU B 252 34.91 10.91 -18.41
C GLU B 252 33.56 11.55 -18.08
N ALA B 253 32.58 10.70 -17.77
CA ALA B 253 31.24 11.16 -17.38
C ALA B 253 31.31 12.16 -16.21
N LEU B 254 32.07 11.83 -15.16
CA LEU B 254 32.19 12.72 -14.01
C LEU B 254 32.87 14.04 -14.34
N ASN B 255 33.95 13.98 -15.11
CA ASN B 255 34.62 15.18 -15.60
C ASN B 255 33.71 16.08 -16.42
N ARG B 256 32.97 15.48 -17.36
CA ARG B 256 32.09 16.28 -18.21
C ARG B 256 30.94 16.91 -17.41
N ILE B 257 30.31 16.13 -16.54
CA ILE B 257 29.17 16.63 -15.75
C ILE B 257 29.58 17.82 -14.84
N ALA B 258 30.79 17.76 -14.30
CA ALA B 258 31.32 18.85 -13.49
C ALA B 258 31.52 20.15 -14.28
N ALA B 259 31.81 20.02 -15.58
CA ALA B 259 32.04 21.17 -16.46
C ALA B 259 30.71 21.76 -16.93
N ASP B 260 29.67 20.95 -16.90
CA ASP B 260 28.36 21.34 -17.44
C ASP B 260 27.40 21.92 -16.40
N CYS B 261 27.70 21.76 -15.10
CA CYS B 261 26.84 22.34 -14.08
CA CYS B 261 26.83 22.26 -14.04
C CYS B 261 27.62 22.80 -12.86
N LYS B 262 26.99 23.66 -12.05
CA LYS B 262 27.63 24.21 -10.85
C LYS B 262 27.91 23.14 -9.80
N ILE B 263 26.90 22.34 -9.50
CA ILE B 263 27.06 21.22 -8.56
C ILE B 263 26.39 19.98 -9.17
N ALA B 264 27.12 18.87 -9.19
CA ALA B 264 26.52 17.59 -9.59
C ALA B 264 26.60 16.62 -8.43
N ALA B 265 25.51 15.91 -8.18
CA ALA B 265 25.51 14.83 -7.20
C ALA B 265 25.22 13.53 -7.95
N VAL B 266 26.19 12.61 -7.96
CA VAL B 266 26.08 11.38 -8.75
C VAL B 266 26.05 10.19 -7.80
N THR B 267 24.98 9.42 -7.86
CA THR B 267 24.84 8.25 -7.00
C THR B 267 25.31 6.98 -7.69
N MSE B 268 25.73 6.00 -6.89
CA MSE B 268 26.34 4.79 -7.44
C MSE B 268 25.91 3.57 -6.67
O MSE B 268 26.69 2.63 -6.48
CB MSE B 268 27.86 4.91 -7.38
CG MSE B 268 28.33 6.17 -8.08
SE MSE B 268 30.24 6.45 -7.68
CE MSE B 268 30.19 6.72 -5.74
N SER B 269 24.64 3.56 -6.23
CA SER B 269 24.04 2.44 -5.49
C SER B 269 24.82 2.07 -4.23
N GLU B 270 25.24 0.81 -4.11
CA GLU B 270 25.99 0.31 -2.95
C GLU B 270 27.36 1.00 -2.80
N ASN B 271 27.82 1.61 -3.89
CA ASN B 271 29.13 2.28 -3.90
C ASN B 271 29.06 3.70 -3.37
N GLY B 272 27.86 4.13 -2.99
CA GLY B 272 27.67 5.43 -2.35
C GLY B 272 27.36 6.51 -3.36
N ALA B 273 28.03 7.65 -3.22
CA ALA B 273 27.80 8.81 -4.08
C ALA B 273 29.04 9.68 -4.17
N VAL B 274 29.07 10.55 -5.19
CA VAL B 274 30.13 11.53 -5.29
C VAL B 274 29.52 12.89 -5.62
N ILE B 275 29.92 13.91 -4.85
CA ILE B 275 29.44 15.27 -5.04
C ILE B 275 30.56 16.07 -5.73
N LEU B 276 30.22 16.74 -6.81
CA LEU B 276 31.23 17.48 -7.58
C LEU B 276 30.91 18.96 -7.65
N LYS B 277 31.93 19.78 -7.46
CA LYS B 277 31.77 21.22 -7.61
C LYS B 277 33.05 21.83 -8.15
N GLY B 278 32.99 22.29 -9.39
CA GLY B 278 34.18 22.76 -10.09
C GLY B 278 35.19 21.64 -10.11
N ARG B 279 36.26 21.82 -9.35
CA ARG B 279 37.33 20.84 -9.27
C ARG B 279 37.21 19.96 -8.03
N GLU B 280 36.36 20.37 -7.08
CA GLU B 280 36.16 19.63 -5.83
C GLU B 280 35.40 18.32 -6.05
N ARG B 281 35.76 17.28 -5.30
CA ARG B 281 35.02 16.01 -5.30
C ARG B 281 34.92 15.47 -3.88
N TYR B 282 33.68 15.15 -3.49
CA TYR B 282 33.41 14.57 -2.17
C TYR B 282 32.74 13.20 -2.32
N TYR B 283 33.46 12.19 -1.88
CA TYR B 283 32.97 10.82 -1.92
C TYR B 283 32.27 10.49 -0.60
N VAL B 284 31.06 9.95 -0.71
CA VAL B 284 30.29 9.54 0.45
CA VAL B 284 30.35 9.51 0.48
C VAL B 284 29.93 8.04 0.34
N ASN B 285 30.01 7.32 1.45
CA ASN B 285 29.64 5.91 1.49
C ASN B 285 28.15 5.68 1.62
N ALA B 286 27.66 4.59 1.05
CA ALA B 286 26.31 4.12 1.29
C ALA B 286 26.19 3.59 2.72
N ILE B 287 25.00 3.64 3.31
CA ILE B 287 24.81 3.12 4.67
C ILE B 287 24.65 1.60 4.65
N ARG B 288 25.07 0.94 5.73
CA ARG B 288 24.87 -0.50 5.87
C ARG B 288 23.37 -0.81 6.05
N ILE B 289 22.90 -1.85 5.37
CA ILE B 289 21.47 -2.18 5.34
C ILE B 289 21.21 -3.66 5.66
N ARG B 290 19.99 -3.96 6.13
CA ARG B 290 19.58 -5.34 6.37
C ARG B 290 19.42 -6.13 5.05
N GLU B 291 18.79 -5.49 4.07
CA GLU B 291 18.37 -6.15 2.85
C GLU B 291 17.76 -5.13 1.91
N VAL B 292 18.11 -5.20 0.63
CA VAL B 292 17.43 -4.41 -0.40
C VAL B 292 16.05 -5.03 -0.60
N VAL B 293 15.03 -4.37 -0.04
CA VAL B 293 13.66 -4.85 -0.13
C VAL B 293 13.03 -4.38 -1.45
N ASP B 294 13.24 -3.10 -1.77
CA ASP B 294 12.63 -2.46 -2.95
C ASP B 294 13.34 -1.14 -3.18
N THR B 295 14.02 -1.03 -4.32
CA THR B 295 14.83 0.15 -4.67
C THR B 295 13.99 1.39 -5.01
N THR B 296 12.69 1.22 -5.16
CA THR B 296 11.81 2.34 -5.54
C THR B 296 11.99 3.55 -4.59
N GLY B 297 12.32 4.71 -5.17
CA GLY B 297 12.48 5.95 -4.42
C GLY B 297 13.89 6.23 -3.94
N ALA B 298 14.83 5.31 -4.17
CA ALA B 298 16.22 5.50 -3.70
C ALA B 298 16.83 6.84 -4.14
N GLY B 299 16.79 7.14 -5.44
CA GLY B 299 17.33 8.40 -5.95
C GLY B 299 16.52 9.62 -5.53
N ASP B 300 15.21 9.44 -5.41
CA ASP B 300 14.32 10.51 -4.96
C ASP B 300 14.67 10.97 -3.55
N LEU B 301 14.89 10.00 -2.68
CA LEU B 301 15.19 10.23 -1.27
C LEU B 301 16.65 10.65 -1.02
N PHE B 302 17.57 10.21 -1.87
CA PHE B 302 18.91 10.80 -1.87
C PHE B 302 18.78 12.30 -2.10
N ALA B 303 17.96 12.67 -3.09
CA ALA B 303 17.75 14.07 -3.37
C ALA B 303 17.11 14.78 -2.20
N SER B 304 16.18 14.12 -1.52
CA SER B 304 15.57 14.68 -0.31
C SER B 304 16.64 15.02 0.75
N GLY B 305 17.46 14.05 1.10
CA GLY B 305 18.49 14.26 2.13
C GLY B 305 19.48 15.34 1.72
N PHE B 306 19.97 15.24 0.49
CA PHE B 306 20.93 16.20 -0.05
C PHE B 306 20.40 17.65 -0.01
N LEU B 307 19.18 17.86 -0.52
CA LEU B 307 18.61 19.22 -0.58
C LEU B 307 18.20 19.79 0.77
N TYR B 308 17.75 18.92 1.67
CA TYR B 308 17.50 19.28 3.05
C TYR B 308 18.79 19.84 3.65
N GLY B 309 19.86 19.06 3.54
CA GLY B 309 21.17 19.50 4.01
C GLY B 309 21.57 20.81 3.35
N TYR B 310 21.42 20.87 2.03
CA TYR B 310 21.85 22.03 1.24
C TYR B 310 21.18 23.32 1.69
N THR B 311 19.87 23.26 1.94
CA THR B 311 19.08 24.41 2.35
C THR B 311 19.21 24.71 3.86
N GLN B 312 19.84 23.79 4.59
CA GLN B 312 20.20 24.03 6.00
C GLN B 312 21.61 24.61 6.14
N GLY B 313 22.29 24.84 5.02
CA GLY B 313 23.65 25.41 5.02
C GLY B 313 24.79 24.42 5.32
N ARG B 314 24.53 23.14 5.17
CA ARG B 314 25.52 22.11 5.48
C ARG B 314 26.56 21.92 4.37
N SER B 315 27.74 21.41 4.73
CA SER B 315 28.78 21.10 3.76
C SER B 315 28.26 20.13 2.68
N LEU B 316 28.81 20.25 1.47
CA LEU B 316 28.52 19.31 0.39
C LEU B 316 28.64 17.85 0.84
N GLU B 317 29.70 17.53 1.61
CA GLU B 317 29.88 16.17 2.12
C GLU B 317 28.73 15.71 3.04
N ASP B 318 28.30 16.59 3.94
CA ASP B 318 27.19 16.29 4.85
C ASP B 318 25.85 16.18 4.13
N CYS B 319 25.70 16.97 3.07
CA CYS B 319 24.54 16.87 2.17
C CYS B 319 24.51 15.47 1.56
N GLY B 320 25.64 15.01 1.03
CA GLY B 320 25.76 13.63 0.55
C GLY B 320 25.45 12.56 1.60
N LYS B 321 25.91 12.78 2.85
CA LYS B 321 25.64 11.82 3.93
C LYS B 321 24.16 11.71 4.26
N LEU B 322 23.49 12.86 4.34
CA LEU B 322 22.04 12.91 4.57
C LEU B 322 21.31 12.25 3.41
N GLY B 323 21.78 12.53 2.20
CA GLY B 323 21.31 11.82 1.01
C GLY B 323 21.40 10.32 1.11
N CYS B 324 22.59 9.80 1.46
CA CYS B 324 22.77 8.36 1.54
C CYS B 324 21.94 7.72 2.65
N LEU B 325 21.73 8.46 3.75
CA LEU B 325 20.93 7.97 4.86
C LEU B 325 19.47 7.81 4.43
N ALA B 326 18.92 8.85 3.82
CA ALA B 326 17.54 8.79 3.38
C ALA B 326 17.31 7.67 2.35
N ALA B 327 18.19 7.55 1.36
CA ALA B 327 18.09 6.52 0.32
C ALA B 327 18.22 5.10 0.86
N GLY B 328 19.17 4.91 1.79
CA GLY B 328 19.35 3.62 2.43
C GLY B 328 18.15 3.18 3.25
N ILE B 329 17.48 4.13 3.89
CA ILE B 329 16.26 3.83 4.65
C ILE B 329 15.13 3.42 3.68
N VAL B 330 14.91 4.20 2.63
CA VAL B 330 13.77 3.90 1.75
C VAL B 330 13.89 2.54 1.03
N ILE B 331 15.12 2.08 0.74
CA ILE B 331 15.25 0.80 0.04
C ILE B 331 15.01 -0.45 0.91
N GLN B 332 14.86 -0.26 2.22
CA GLN B 332 14.57 -1.38 3.13
C GLN B 332 13.08 -1.50 3.43
N GLN B 333 12.25 -0.79 2.67
CA GLN B 333 10.81 -0.90 2.85
C GLN B 333 10.14 -1.01 1.49
N ILE B 334 8.91 -1.52 1.50
CA ILE B 334 8.08 -1.54 0.30
CA ILE B 334 8.09 -1.54 0.30
C ILE B 334 7.47 -0.14 0.13
N GLY B 335 7.53 0.40 -1.07
CA GLY B 335 6.96 1.75 -1.32
C GLY B 335 7.98 2.90 -1.30
N PRO B 336 7.68 3.99 -2.04
CA PRO B 336 8.70 5.00 -2.31
C PRO B 336 8.84 6.12 -1.29
N ARG B 337 7.96 6.19 -0.30
CA ARG B 337 8.05 7.25 0.71
C ARG B 337 8.21 6.62 2.09
N PRO B 338 9.31 6.95 2.79
CA PRO B 338 9.55 6.35 4.11
C PRO B 338 8.38 6.45 5.08
N MSE B 339 8.00 5.30 5.65
CA MSE B 339 6.97 5.20 6.68
C MSE B 339 7.50 5.41 8.08
O MSE B 339 6.78 5.20 9.06
CB MSE B 339 6.40 3.79 6.64
CG MSE B 339 5.42 3.63 5.48
SE MSE B 339 4.98 1.75 5.05
CE MSE B 339 6.78 0.94 4.96
N THR B 340 8.76 5.82 8.18
CA THR B 340 9.40 6.10 9.48
C THR B 340 9.91 7.53 9.52
N SER B 341 10.32 7.99 10.71
CA SER B 341 10.83 9.35 10.84
C SER B 341 12.27 9.47 10.36
N LEU B 342 12.48 10.18 9.27
CA LEU B 342 13.83 10.43 8.76
C LEU B 342 14.59 11.40 9.65
N SER B 343 13.88 12.32 10.29
CA SER B 343 14.55 13.25 11.20
C SER B 343 15.12 12.53 12.43
N GLU B 344 14.42 11.50 12.93
CA GLU B 344 14.92 10.69 14.05
C GLU B 344 16.15 9.88 13.66
N ALA B 345 16.13 9.30 12.46
CA ALA B 345 17.26 8.51 11.97
C ALA B 345 18.50 9.39 11.80
N ALA B 346 18.30 10.58 11.25
CA ALA B 346 19.37 11.58 11.09
C ALA B 346 20.03 11.95 12.42
N LYS B 347 19.21 12.20 13.44
CA LYS B 347 19.71 12.51 14.80
C LYS B 347 20.47 11.31 15.37
N GLN B 348 19.90 10.12 15.15
CA GLN B 348 20.48 8.85 15.56
C GLN B 348 21.81 8.59 14.85
N ALA B 349 21.87 8.92 13.57
CA ALA B 349 23.09 8.72 12.78
C ALA B 349 24.11 9.82 13.10
N GLY B 350 23.69 10.80 13.90
CA GLY B 350 24.54 11.91 14.30
C GLY B 350 24.73 12.93 13.19
N LEU B 351 23.81 12.96 12.24
CA LEU B 351 23.86 13.94 11.15
C LEU B 351 23.05 15.20 11.50
N ILE B 352 22.22 15.06 12.54
CA ILE B 352 21.47 16.16 13.18
C ILE B 352 20.42 16.77 12.25
O5' ADN C . -9.60 -8.13 9.69
C5' ADN C . -8.96 -6.99 9.14
C4' ADN C . -9.82 -6.51 7.96
O4' ADN C . -11.08 -6.06 8.44
C3' ADN C . -9.28 -5.27 7.26
O3' ADN C . -8.66 -5.67 6.05
C2' ADN C . -10.53 -4.45 6.89
O2' ADN C . -10.64 -4.28 5.50
C1' ADN C . -11.66 -5.33 7.34
N9 ADN C . -12.84 -4.58 7.83
C8 ADN C . -12.88 -3.41 8.47
N7 ADN C . -14.15 -3.07 8.76
C5 ADN C . -14.94 -4.06 8.29
C6 ADN C . -16.39 -4.33 8.24
N6 ADN C . -17.27 -3.46 8.81
N1 ADN C . -16.79 -5.46 7.64
C2 ADN C . -15.94 -6.35 7.09
N3 ADN C . -14.60 -6.17 7.08
C4 ADN C . -14.07 -5.06 7.68
N13 BZE D . 1.77 8.46 9.92
C8 BZE D . 2.40 7.91 8.86
N11 BZE D . 3.38 8.60 8.27
C7 BZE D . 4.06 8.09 7.22
N12 BZE D . 5.04 8.84 6.69
N3 BZE D . 3.75 6.87 6.74
N4 BZE D . 2.08 6.68 8.39
C1 BZE D . 2.75 6.17 7.33
C2 BZE D . 2.32 4.83 6.88
C6 BZE D . 1.86 4.61 5.58
C10 BZE D . 1.45 3.33 5.21
C14 BZE D . 1.48 2.28 6.13
C9 BZE D . 1.93 2.51 7.44
C5 BZE D . 2.35 3.80 7.80
S DMS E . -12.22 9.00 3.33
O DMS E . -13.36 8.08 3.23
C1 DMS E . -10.85 8.29 2.60
C2 DMS E . -12.46 10.29 2.24
S DMS F . -17.04 9.01 0.82
O DMS F . -15.98 9.71 0.05
C1 DMS F . -16.76 9.23 2.49
C2 DMS F . -18.52 9.86 0.63
S DMS G . -1.41 -6.28 1.69
O DMS G . -2.42 -7.14 2.33
C1 DMS G . 0.11 -6.36 2.44
C2 DMS G . -0.96 -6.91 0.16
K K H . -0.86 -7.33 8.74
O5' ADN I . 11.51 6.93 -8.35
C5' ADN I . 10.46 6.07 -7.94
C4' ADN I . 9.18 6.80 -8.32
O4' ADN I . 9.14 7.11 -9.73
C3' ADN I . 7.93 5.96 -8.09
O3' ADN I . 7.30 6.39 -6.92
C2' ADN I . 7.02 6.29 -9.29
O2' ADN I . 5.79 6.83 -8.88
C1' ADN I . 7.77 7.39 -10.00
N9 ADN I . 7.57 7.42 -11.47
C8 ADN I . 7.35 6.39 -12.30
N7 ADN I . 7.23 6.84 -13.57
C5 ADN I . 7.41 8.18 -13.55
C6 ADN I . 7.38 9.30 -14.52
N6 ADN I . 7.21 9.13 -15.85
N1 ADN I . 7.60 10.55 -14.03
C2 ADN I . 7.78 10.84 -12.74
N3 ADN I . 7.79 9.86 -11.81
C4 ADN I . 7.61 8.56 -12.15
N13 BZE J . 2.52 -11.34 -6.74
C8 BZE J . 2.08 -10.89 -5.56
N11 BZE J . 1.20 -11.59 -4.82
C7 BZE J . 0.77 -11.10 -3.62
N12 BZE J . -0.09 -11.77 -2.86
N3 BZE J . 1.23 -9.93 -3.18
N4 BZE J . 2.53 -9.72 -5.11
C1 BZE J . 2.11 -9.23 -3.93
C2 BZE J . 2.61 -7.92 -3.47
C6 BZE J . 1.70 -6.88 -3.20
C10 BZE J . 2.15 -5.65 -2.77
C14 BZE J . 3.52 -5.38 -2.66
C9 BZE J . 4.44 -6.42 -2.93
C5 BZE J . 3.97 -7.69 -3.33
S DMS K . -7.10 4.02 -17.40
O DMS K . -7.95 4.17 -18.62
C1 DMS K . -7.87 2.93 -16.33
C2 DMS K . -5.69 3.14 -17.80
S DMS L . -4.50 0.25 -14.95
O DMS L . -4.09 1.58 -15.42
C1 DMS L . -4.26 0.21 -13.26
C2 DMS L . -6.20 0.10 -14.94
S DMS M . 4.88 3.89 1.23
O DMS M . 5.63 4.74 0.28
C1 DMS M . 5.93 2.81 2.01
C2 DMS M . 4.25 4.84 2.51
K K N . 11.15 1.38 -1.35
#